data_5B2F
#
_entry.id   5B2F
#
_cell.length_a   77.821
_cell.length_b   77.821
_cell.length_c   229.230
_cell.angle_alpha   90.00
_cell.angle_beta   90.00
_cell.angle_gamma   120.00
#
_symmetry.space_group_name_H-M   'P 32 2 1'
#
loop_
_entity.id
_entity.type
_entity.pdbx_description
1 polymer 'Putative uncharacterized protein PH0499'
2 non-polymer 'ZINC ION'
3 non-polymer 2-deoxy-2-{[(S)-hydroxy(methyl)phosphoryl]amino}-beta-D-glucopyranose
4 water water
#
_entity_poly.entity_id   1
_entity_poly.type   'polypeptide(L)'
_entity_poly.pdbx_seq_one_letter_code
;MVVNMFEDIDTFEEAFNKLLREVLEFDLQNPFKDAKKVLCIEPHPDDCVIGMGGTIKKLSDMGVEVIYVCMTDGYMGTTD
ESLSGHELAAIRRKEEEESARLLGVKKIYWLNYRDTELPYSREVRKDLTKILRKEQPDGVFAPDPWLPYESHPDHRRTGF
LAIESVAFSQLPNFSNTDLDIGLNPYNSGSFIALYYTHKPNYIVDITDLMELKLKAIRVHRSQFPDDIWEKWEPFLRTIA
MFYGEKIGVRYGEGFRIMPGLFYHITPFTDLI
;
_entity_poly.pdbx_strand_id   A,B,C
#
# COMPACT_ATOMS: atom_id res chain seq x y z
N PHE A 6 8.44 19.05 25.84
CA PHE A 6 7.69 19.35 27.12
C PHE A 6 7.77 18.29 28.27
N GLU A 7 8.78 18.51 29.11
CA GLU A 7 9.30 17.54 30.10
C GLU A 7 8.31 17.08 31.19
N ASP A 8 7.32 17.92 31.51
CA ASP A 8 6.55 17.79 32.77
C ASP A 8 5.16 17.13 32.75
N ILE A 9 4.50 17.12 31.60
CA ILE A 9 3.16 16.50 31.45
C ILE A 9 3.11 15.02 31.90
N ASP A 10 2.00 14.59 32.49
CA ASP A 10 1.92 13.30 33.17
C ASP A 10 1.56 12.10 32.28
N THR A 11 0.64 12.32 31.34
CA THR A 11 0.03 11.20 30.59
C THR A 11 0.24 11.39 29.06
N PHE A 12 0.42 10.31 28.32
CA PHE A 12 0.27 10.43 26.86
C PHE A 12 -0.98 11.29 26.47
N GLU A 13 -2.16 10.94 27.01
CA GLU A 13 -3.42 11.65 26.60
C GLU A 13 -3.32 13.17 26.78
N GLU A 14 -2.73 13.61 27.89
CA GLU A 14 -2.43 15.05 28.07
C GLU A 14 -1.43 15.60 27.02
N ALA A 15 -0.32 14.89 26.80
CA ALA A 15 0.68 15.31 25.81
C ALA A 15 0.02 15.51 24.43
N PHE A 16 -0.78 14.51 24.02
CA PHE A 16 -1.43 14.50 22.70
C PHE A 16 -2.43 15.65 22.55
N ASN A 17 -3.22 15.90 23.59
CA ASN A 17 -4.17 17.01 23.54
C ASN A 17 -3.43 18.33 23.39
N LYS A 18 -2.32 18.48 24.12
CA LYS A 18 -1.55 19.73 24.09
C LYS A 18 -0.84 19.88 22.74
N LEU A 19 -0.25 18.78 22.26
CA LEU A 19 0.39 18.74 20.94
C LEU A 19 -0.56 19.26 19.88
N LEU A 20 -1.74 18.64 19.81
CA LEU A 20 -2.75 19.02 18.80
C LEU A 20 -3.29 20.43 18.93
N ARG A 21 -3.66 20.84 20.15
CA ARG A 21 -4.36 22.14 20.35
C ARG A 21 -3.50 23.38 20.54
N GLU A 22 -2.39 23.24 21.25
CA GLU A 22 -1.47 24.35 21.47
C GLU A 22 -0.27 24.43 20.51
N VAL A 23 0.49 23.34 20.35
CA VAL A 23 1.70 23.25 19.50
C VAL A 23 1.34 23.36 18.00
N LEU A 24 0.38 22.57 17.56
CA LEU A 24 0.05 22.47 16.15
C LEU A 24 -1.19 23.29 15.86
N GLU A 25 -1.90 23.67 16.92
CA GLU A 25 -3.15 24.41 16.77
C GLU A 25 -3.95 23.79 15.63
N PHE A 26 -4.13 22.48 15.70
CA PHE A 26 -4.98 21.78 14.75
C PHE A 26 -6.47 22.01 15.02
N ASP A 27 -7.17 22.52 14.03
CA ASP A 27 -8.56 22.87 14.21
C ASP A 27 -9.48 22.33 13.10
N LEU A 28 -10.47 21.50 13.44
CA LEU A 28 -11.37 20.88 12.43
C LEU A 28 -12.73 21.50 12.40
N GLN A 29 -12.85 22.69 12.97
CA GLN A 29 -14.13 23.33 13.07
C GLN A 29 -14.44 24.13 11.82
N ASN A 30 -13.47 24.84 11.27
CA ASN A 30 -13.70 25.61 10.04
C ASN A 30 -12.39 25.61 9.23
N PRO A 31 -11.98 24.44 8.72
CA PRO A 31 -10.66 24.27 8.13
C PRO A 31 -10.45 25.02 6.83
N PHE A 32 -11.51 25.43 6.15
CA PHE A 32 -11.34 26.16 4.91
C PHE A 32 -11.66 27.66 5.06
N LYS A 33 -12.03 28.03 6.29
CA LYS A 33 -12.31 29.43 6.70
C LYS A 33 -11.67 30.52 5.81
N ASP A 34 -10.33 30.57 5.83
CA ASP A 34 -9.58 31.73 5.29
C ASP A 34 -9.09 31.58 3.88
N ALA A 35 -9.42 30.46 3.24
CA ALA A 35 -8.76 30.12 1.99
C ALA A 35 -9.26 31.05 0.89
N LYS A 36 -8.36 31.49 0.01
CA LYS A 36 -8.76 32.33 -1.12
C LYS A 36 -8.62 31.61 -2.42
N LYS A 37 -7.70 30.64 -2.44
CA LYS A 37 -7.43 29.84 -3.66
C LYS A 37 -7.11 28.43 -3.20
N VAL A 38 -7.70 27.43 -3.86
CA VAL A 38 -7.42 26.01 -3.57
C VAL A 38 -7.20 25.26 -4.88
N LEU A 39 -6.48 24.13 -4.82
CA LEU A 39 -6.35 23.25 -5.98
C LEU A 39 -7.13 21.99 -5.70
N CYS A 40 -7.89 21.53 -6.67
CA CYS A 40 -8.49 20.20 -6.52
C CYS A 40 -7.90 19.29 -7.53
N ILE A 41 -7.23 18.27 -7.01
CA ILE A 41 -6.43 17.39 -7.87
C ILE A 41 -7.25 16.11 -8.09
N GLU A 42 -7.53 15.74 -9.36
CA GLU A 42 -8.39 14.58 -9.69
C GLU A 42 -7.63 13.65 -10.62
N PRO A 43 -7.74 12.32 -10.42
CA PRO A 43 -7.03 11.41 -11.31
C PRO A 43 -7.57 11.53 -12.76
N HIS A 44 -8.89 11.61 -12.86
CA HIS A 44 -9.55 11.62 -14.19
C HIS A 44 -10.55 12.70 -14.28
N PRO A 45 -10.93 13.07 -15.53
CA PRO A 45 -12.01 14.05 -15.60
C PRO A 45 -13.33 13.44 -15.07
N ASP A 46 -13.93 14.17 -14.13
CA ASP A 46 -15.15 13.90 -13.35
C ASP A 46 -14.88 13.62 -11.85
N ASP A 47 -13.65 13.36 -11.47
CA ASP A 47 -13.40 12.95 -10.06
C ASP A 47 -13.56 14.10 -9.07
N CYS A 48 -13.11 15.30 -9.45
CA CYS A 48 -13.44 16.41 -8.53
C CYS A 48 -14.93 16.45 -8.23
N VAL A 49 -15.78 16.51 -9.25
CA VAL A 49 -17.22 16.62 -9.00
C VAL A 49 -17.79 15.38 -8.29
N ILE A 50 -17.36 14.17 -8.67
CA ILE A 50 -17.95 13.03 -8.05
C ILE A 50 -17.58 12.99 -6.54
N GLY A 51 -16.32 13.30 -6.26
CA GLY A 51 -15.69 13.20 -4.92
C GLY A 51 -16.08 14.40 -4.09
N MET A 52 -16.15 15.57 -4.73
CA MET A 52 -16.35 16.77 -3.90
C MET A 52 -17.04 17.97 -4.59
N GLY A 53 -17.94 17.72 -5.52
CA GLY A 53 -18.59 18.85 -6.23
C GLY A 53 -19.42 19.79 -5.38
N GLY A 54 -20.14 19.23 -4.41
CA GLY A 54 -20.90 20.02 -3.45
C GLY A 54 -19.98 21.00 -2.73
N THR A 55 -18.91 20.46 -2.14
CA THR A 55 -17.89 21.29 -1.55
C THR A 55 -17.25 22.38 -2.48
N ILE A 56 -16.92 21.97 -3.71
CA ILE A 56 -16.38 22.92 -4.69
C ILE A 56 -17.38 24.07 -4.87
N LYS A 57 -18.68 23.75 -4.98
CA LYS A 57 -19.68 24.84 -5.20
C LYS A 57 -19.73 25.78 -3.99
N LYS A 58 -19.72 25.19 -2.80
CA LYS A 58 -19.72 25.98 -1.59
C LYS A 58 -18.52 26.95 -1.53
N LEU A 59 -17.32 26.42 -1.82
CA LEU A 59 -16.08 27.25 -1.91
C LEU A 59 -16.21 28.37 -2.95
N SER A 60 -16.68 28.02 -4.15
CA SER A 60 -16.99 29.01 -5.16
C SER A 60 -17.99 30.03 -4.68
N ASP A 61 -19.10 29.61 -4.07
CA ASP A 61 -20.09 30.55 -3.48
C ASP A 61 -19.48 31.62 -2.54
N MET A 62 -18.55 31.23 -1.67
CA MET A 62 -17.88 32.23 -0.84
C MET A 62 -16.77 33.06 -1.51
N GLY A 63 -16.55 32.88 -2.79
CA GLY A 63 -15.56 33.67 -3.49
C GLY A 63 -14.18 33.05 -3.46
N VAL A 64 -14.07 31.77 -3.07
CA VAL A 64 -12.76 31.08 -3.17
C VAL A 64 -12.53 30.74 -4.63
N GLU A 65 -11.31 30.93 -5.09
CA GLU A 65 -11.00 30.55 -6.45
C GLU A 65 -10.61 29.05 -6.47
N VAL A 66 -11.42 28.24 -7.12
CA VAL A 66 -11.13 26.78 -7.25
C VAL A 66 -10.46 26.51 -8.56
N ILE A 67 -9.29 25.86 -8.54
CA ILE A 67 -8.52 25.55 -9.74
C ILE A 67 -8.43 24.01 -9.71
N TYR A 68 -8.78 23.39 -10.83
CA TYR A 68 -8.53 21.92 -11.01
C TYR A 68 -7.17 21.57 -11.53
N VAL A 69 -6.67 20.36 -11.19
CA VAL A 69 -5.52 19.88 -11.88
C VAL A 69 -5.98 18.47 -12.17
N CYS A 70 -6.04 18.12 -13.45
CA CYS A 70 -6.59 16.81 -13.82
C CYS A 70 -5.36 16.02 -14.31
N MET A 71 -5.09 14.86 -13.68
CA MET A 71 -3.83 14.14 -13.90
C MET A 71 -3.79 13.44 -15.26
N THR A 72 -4.92 12.87 -15.64
CA THR A 72 -5.02 12.14 -16.89
C THR A 72 -6.05 12.65 -17.82
N ASP A 73 -6.10 12.05 -19.02
CA ASP A 73 -7.01 12.49 -20.05
C ASP A 73 -8.33 11.67 -20.18
N GLY A 74 -8.50 10.66 -19.34
CA GLY A 74 -9.67 9.75 -19.40
C GLY A 74 -9.80 9.02 -20.76
N TYR A 75 -8.69 8.85 -21.46
CA TYR A 75 -8.63 8.13 -22.77
C TYR A 75 -9.29 6.72 -22.85
N MET A 76 -9.23 5.94 -21.76
CA MET A 76 -9.63 4.52 -21.81
C MET A 76 -11.08 4.32 -21.45
N GLY A 77 -11.76 5.33 -20.91
CA GLY A 77 -13.09 5.08 -20.29
C GLY A 77 -14.35 5.04 -21.20
N THR A 78 -14.37 4.11 -22.18
CA THR A 78 -15.56 3.78 -23.00
C THR A 78 -15.58 2.33 -23.36
N THR A 79 -16.75 1.74 -23.52
CA THR A 79 -16.81 0.41 -24.11
C THR A 79 -17.22 0.54 -25.58
N ASP A 80 -17.35 1.77 -26.07
CA ASP A 80 -17.81 1.93 -27.49
C ASP A 80 -16.64 1.62 -28.47
N GLU A 81 -16.75 0.52 -29.22
CA GLU A 81 -15.66 0.15 -30.13
C GLU A 81 -15.40 1.14 -31.29
N SER A 82 -16.34 2.05 -31.54
CA SER A 82 -16.15 3.05 -32.60
C SER A 82 -15.70 4.41 -32.08
N LEU A 83 -15.49 4.50 -30.78
CA LEU A 83 -14.92 5.71 -30.22
C LEU A 83 -13.45 5.42 -29.84
N SER A 84 -12.50 6.11 -30.46
CA SER A 84 -11.10 5.88 -30.08
C SER A 84 -10.79 6.66 -28.77
N GLY A 85 -9.60 6.42 -28.21
CA GLY A 85 -9.18 7.17 -27.02
C GLY A 85 -8.95 8.65 -27.35
N HIS A 86 -8.50 8.98 -28.55
CA HIS A 86 -8.23 10.40 -28.88
C HIS A 86 -9.51 11.24 -28.92
N GLU A 87 -10.54 10.63 -29.52
CA GLU A 87 -11.87 11.24 -29.62
C GLU A 87 -12.54 11.33 -28.23
N LEU A 88 -12.44 10.23 -27.47
CA LEU A 88 -12.98 10.22 -26.11
C LEU A 88 -12.33 11.32 -25.28
N ALA A 89 -11.00 11.42 -25.31
CA ALA A 89 -10.36 12.44 -24.48
C ALA A 89 -10.81 13.83 -24.92
N ALA A 90 -10.92 14.10 -26.23
CA ALA A 90 -11.43 15.44 -26.62
C ALA A 90 -12.86 15.69 -26.12
N ILE A 91 -13.75 14.70 -26.16
CA ILE A 91 -15.11 14.83 -25.56
C ILE A 91 -15.02 15.15 -24.04
N ARG A 92 -14.24 14.35 -23.31
CA ARG A 92 -14.20 14.51 -21.85
C ARG A 92 -13.65 15.83 -21.44
N ARG A 93 -12.71 16.39 -22.19
CA ARG A 93 -12.21 17.73 -21.91
C ARG A 93 -13.41 18.73 -21.88
N LYS A 94 -14.28 18.66 -22.88
CA LYS A 94 -15.46 19.55 -23.00
C LYS A 94 -16.49 19.29 -21.88
N GLU A 95 -16.68 18.00 -21.57
CA GLU A 95 -17.63 17.61 -20.60
C GLU A 95 -17.14 18.21 -19.23
N GLU A 96 -15.84 18.18 -19.01
CA GLU A 96 -15.30 18.67 -17.74
C GLU A 96 -15.38 20.19 -17.72
N GLU A 97 -15.09 20.86 -18.82
CA GLU A 97 -15.26 22.36 -18.83
C GLU A 97 -16.69 22.74 -18.44
N GLU A 98 -17.66 21.99 -18.93
CA GLU A 98 -19.07 22.27 -18.70
C GLU A 98 -19.39 21.95 -17.24
N SER A 99 -18.93 20.79 -16.79
CA SER A 99 -19.21 20.38 -15.41
C SER A 99 -18.63 21.39 -14.45
N ALA A 100 -17.41 21.83 -14.71
CA ALA A 100 -16.71 22.70 -13.79
C ALA A 100 -17.35 24.11 -13.79
N ARG A 101 -17.88 24.53 -14.93
CA ARG A 101 -18.51 25.84 -15.01
C ARG A 101 -19.80 25.85 -14.15
N LEU A 102 -20.45 24.70 -13.99
CA LEU A 102 -21.63 24.70 -13.13
C LEU A 102 -21.25 24.87 -11.66
N LEU A 103 -20.00 24.55 -11.33
CA LEU A 103 -19.60 24.57 -9.94
C LEU A 103 -18.81 25.81 -9.65
N GLY A 104 -18.70 26.70 -10.63
CA GLY A 104 -17.92 27.96 -10.48
C GLY A 104 -16.41 27.85 -10.70
N VAL A 105 -15.98 26.73 -11.28
CA VAL A 105 -14.59 26.59 -11.72
C VAL A 105 -14.50 27.01 -13.21
N LYS A 106 -13.77 28.02 -13.63
CA LYS A 106 -12.59 28.65 -13.08
C LYS A 106 -11.45 28.36 -14.13
N LYS A 107 -10.54 27.45 -13.80
CA LYS A 107 -9.35 27.22 -14.58
C LYS A 107 -9.10 25.71 -14.38
N ILE A 108 -8.77 25.02 -15.46
CA ILE A 108 -8.28 23.63 -15.35
C ILE A 108 -6.80 23.47 -15.89
N TYR A 109 -5.91 22.92 -15.07
CA TYR A 109 -4.62 22.44 -15.55
C TYR A 109 -4.74 20.95 -15.98
N TRP A 110 -4.49 20.66 -17.23
CA TRP A 110 -4.52 19.26 -17.78
C TRP A 110 -3.10 18.80 -17.83
N LEU A 111 -2.71 17.79 -17.03
CA LEU A 111 -1.41 17.17 -17.17
C LEU A 111 -1.28 16.29 -18.41
N ASN A 112 -2.38 15.79 -18.92
CA ASN A 112 -2.45 15.01 -20.17
C ASN A 112 -1.73 13.67 -20.09
N TYR A 113 -1.45 13.12 -18.91
CA TYR A 113 -0.91 11.72 -18.90
C TYR A 113 -2.02 10.80 -19.39
N ARG A 114 -1.67 9.65 -19.92
CA ARG A 114 -2.73 8.77 -20.35
C ARG A 114 -3.38 8.02 -19.21
N ASP A 115 -4.70 8.09 -19.22
CA ASP A 115 -5.63 7.26 -18.49
C ASP A 115 -5.12 5.79 -18.45
N THR A 116 -4.95 5.28 -17.25
CA THR A 116 -4.36 3.99 -16.91
C THR A 116 -2.87 3.91 -16.93
N GLU A 117 -2.15 5.01 -17.18
CA GLU A 117 -0.70 5.06 -17.36
C GLU A 117 -0.16 6.27 -16.59
N LEU A 118 -0.87 6.80 -15.61
CA LEU A 118 -0.23 7.86 -14.75
C LEU A 118 1.02 7.29 -14.11
N PRO A 119 2.18 7.92 -14.36
CA PRO A 119 3.40 7.41 -13.75
C PRO A 119 3.42 7.68 -12.28
N TYR A 120 4.18 6.87 -11.54
CA TYR A 120 4.52 7.26 -10.19
C TYR A 120 6.04 7.60 -10.18
N SER A 121 6.38 8.88 -10.28
CA SER A 121 7.79 9.22 -10.53
C SER A 121 8.08 10.68 -10.14
N ARG A 122 9.34 11.03 -10.09
CA ARG A 122 9.79 12.40 -9.82
C ARG A 122 9.20 13.31 -10.94
N GLU A 123 9.15 12.84 -12.18
CA GLU A 123 8.59 13.78 -13.19
C GLU A 123 7.21 14.33 -12.86
N VAL A 124 6.28 13.45 -12.47
CA VAL A 124 4.92 13.89 -12.18
C VAL A 124 4.94 14.78 -10.91
N ARG A 125 5.69 14.38 -9.88
CA ARG A 125 5.97 15.36 -8.76
C ARG A 125 6.41 16.77 -9.21
N LYS A 126 7.32 16.83 -10.21
CA LYS A 126 7.79 18.11 -10.72
C LYS A 126 6.69 18.89 -11.43
N ASP A 127 5.84 18.22 -12.23
CA ASP A 127 4.66 18.90 -12.83
C ASP A 127 3.77 19.54 -11.76
N LEU A 128 3.52 18.80 -10.67
CA LEU A 128 2.62 19.33 -9.66
C LEU A 128 3.32 20.45 -8.90
N THR A 129 4.59 20.24 -8.65
CA THR A 129 5.42 21.20 -7.90
C THR A 129 5.42 22.57 -8.62
N LYS A 130 5.43 22.56 -9.95
CA LYS A 130 5.43 23.78 -10.73
C LYS A 130 4.11 24.55 -10.61
N ILE A 131 2.98 23.83 -10.60
CA ILE A 131 1.64 24.43 -10.42
C ILE A 131 1.52 25.03 -9.03
N LEU A 132 1.98 24.26 -8.07
CA LEU A 132 1.88 24.70 -6.71
C LEU A 132 2.67 26.00 -6.54
N ARG A 133 3.84 26.08 -7.18
CA ARG A 133 4.76 27.20 -6.92
C ARG A 133 4.25 28.39 -7.64
N LYS A 134 3.68 28.18 -8.80
CA LYS A 134 3.05 29.24 -9.56
C LYS A 134 1.79 29.80 -8.86
N GLU A 135 0.93 28.87 -8.47
CA GLU A 135 -0.38 29.26 -7.98
C GLU A 135 -0.35 29.58 -6.50
N GLN A 136 0.59 29.03 -5.76
CA GLN A 136 0.57 29.29 -4.32
C GLN A 136 -0.78 29.19 -3.64
N PRO A 137 -1.46 28.01 -3.74
CA PRO A 137 -2.79 27.93 -3.18
C PRO A 137 -2.72 27.80 -1.66
N ASP A 138 -3.80 28.19 -1.00
CA ASP A 138 -3.91 28.07 0.46
C ASP A 138 -4.31 26.66 0.84
N GLY A 139 -4.74 25.84 -0.13
CA GLY A 139 -5.22 24.54 0.31
C GLY A 139 -5.26 23.60 -0.90
N VAL A 140 -5.06 22.30 -0.69
CA VAL A 140 -5.01 21.36 -1.80
C VAL A 140 -5.92 20.15 -1.44
N PHE A 141 -6.68 19.67 -2.42
CA PHE A 141 -7.60 18.53 -2.27
C PHE A 141 -7.13 17.39 -3.17
N ALA A 142 -7.12 16.14 -2.67
CA ALA A 142 -6.66 15.03 -3.51
C ALA A 142 -7.21 13.71 -3.00
N PRO A 143 -7.24 12.64 -3.84
CA PRO A 143 -7.91 11.47 -3.24
C PRO A 143 -7.03 10.90 -2.15
N ASP A 144 -7.65 10.15 -1.22
CA ASP A 144 -6.99 9.45 -0.09
C ASP A 144 -6.34 8.18 -0.65
N PRO A 145 -5.02 8.14 -0.77
CA PRO A 145 -4.47 6.92 -1.38
C PRO A 145 -4.54 5.66 -0.54
N TRP A 146 -4.94 5.79 0.72
CA TRP A 146 -5.15 4.64 1.60
C TRP A 146 -6.58 4.10 1.64
N LEU A 147 -7.46 4.45 0.68
CA LEU A 147 -8.79 3.92 0.64
C LEU A 147 -8.71 2.38 0.47
N PRO A 148 -9.37 1.63 1.35
CA PRO A 148 -9.37 0.13 1.23
C PRO A 148 -9.93 -0.25 -0.14
N TYR A 149 -9.26 -1.21 -0.79
CA TYR A 149 -9.74 -1.84 -2.05
C TYR A 149 -9.77 -0.91 -3.27
N GLU A 150 -9.10 0.22 -3.15
CA GLU A 150 -9.02 1.16 -4.27
C GLU A 150 -8.06 0.53 -5.26
N SER A 151 -8.62 0.09 -6.40
CA SER A 151 -7.87 -0.78 -7.28
C SER A 151 -7.50 -0.10 -8.64
N HIS A 152 -7.80 1.20 -8.73
CA HIS A 152 -7.38 1.96 -9.87
C HIS A 152 -6.06 2.65 -9.56
N PRO A 153 -4.98 2.27 -10.24
CA PRO A 153 -3.66 2.80 -9.96
C PRO A 153 -3.55 4.30 -10.13
N ASP A 154 -4.33 4.88 -11.05
CA ASP A 154 -4.34 6.35 -11.20
C ASP A 154 -4.78 7.07 -9.92
N HIS A 155 -5.68 6.41 -9.18
CA HIS A 155 -6.15 6.95 -7.94
C HIS A 155 -5.11 6.89 -6.85
N ARG A 156 -4.57 5.69 -6.59
CA ARG A 156 -3.57 5.61 -5.54
C ARG A 156 -2.40 6.53 -5.88
N ARG A 157 -2.01 6.59 -7.15
CA ARG A 157 -0.84 7.35 -7.46
C ARG A 157 -1.12 8.86 -7.39
N THR A 158 -2.31 9.31 -7.84
CA THR A 158 -2.66 10.77 -7.69
C THR A 158 -2.52 11.19 -6.16
N GLY A 159 -3.04 10.34 -5.30
CA GLY A 159 -3.14 10.64 -3.91
C GLY A 159 -1.75 10.71 -3.37
N PHE A 160 -0.95 9.66 -3.53
CA PHE A 160 0.42 9.74 -3.08
C PHE A 160 1.27 10.96 -3.62
N LEU A 161 1.21 11.22 -4.93
CA LEU A 161 1.99 12.22 -5.54
C LEU A 161 1.53 13.60 -5.05
N ALA A 162 0.25 13.77 -4.78
CA ALA A 162 -0.26 15.10 -4.40
C ALA A 162 0.29 15.43 -3.00
N ILE A 163 0.35 14.42 -2.13
CA ILE A 163 0.80 14.64 -0.71
C ILE A 163 2.31 14.91 -0.66
N GLU A 164 3.07 14.07 -1.34
CA GLU A 164 4.51 14.23 -1.60
C GLU A 164 4.83 15.57 -2.19
N SER A 165 4.08 15.99 -3.24
CA SER A 165 4.43 17.21 -3.90
C SER A 165 4.19 18.44 -3.05
N VAL A 166 3.14 18.38 -2.22
CA VAL A 166 2.78 19.52 -1.34
C VAL A 166 3.93 19.75 -0.30
N ALA A 167 4.52 18.65 0.19
CA ALA A 167 5.75 18.75 0.99
C ALA A 167 7.03 19.14 0.18
N PHE A 168 7.34 18.41 -0.90
CA PHE A 168 8.60 18.65 -1.59
C PHE A 168 8.68 19.99 -2.35
N SER A 169 7.55 20.55 -2.75
CA SER A 169 7.54 21.83 -3.53
C SER A 169 7.96 23.00 -2.65
N GLN A 170 7.90 22.79 -1.36
CA GLN A 170 8.48 23.74 -0.39
C GLN A 170 10.01 23.74 -0.26
N LEU A 171 10.70 22.76 -0.86
CA LEU A 171 12.14 22.61 -0.59
C LEU A 171 12.85 23.17 -1.78
N PRO A 172 13.65 24.21 -1.58
CA PRO A 172 14.25 24.89 -2.77
C PRO A 172 15.19 24.05 -3.61
N ASN A 173 15.74 22.95 -3.06
CA ASN A 173 16.61 22.09 -3.86
C ASN A 173 15.83 21.05 -4.64
N PHE A 174 14.51 21.01 -4.40
CA PHE A 174 13.65 20.09 -5.10
C PHE A 174 13.16 20.75 -6.35
N SER A 175 13.40 20.10 -7.49
CA SER A 175 13.06 20.65 -8.80
C SER A 175 13.52 22.13 -8.91
N ASN A 176 14.83 22.34 -8.76
CA ASN A 176 15.41 23.67 -8.51
C ASN A 176 15.30 24.60 -9.73
N THR A 177 15.11 24.05 -10.92
CA THR A 177 14.98 24.90 -12.09
C THR A 177 13.77 25.84 -12.05
N ASP A 178 12.66 25.39 -11.46
CA ASP A 178 11.50 26.25 -11.16
C ASP A 178 11.95 27.61 -10.53
N LEU A 179 12.80 27.53 -9.52
CA LEU A 179 13.21 28.79 -8.85
C LEU A 179 14.12 29.59 -9.77
N ASP A 180 14.85 28.91 -10.66
CA ASP A 180 15.78 29.59 -11.54
C ASP A 180 15.02 30.33 -12.62
N ILE A 181 13.80 29.89 -12.92
CA ILE A 181 12.96 30.69 -13.79
C ILE A 181 12.07 31.73 -13.06
N GLY A 182 12.25 31.88 -11.75
CA GLY A 182 11.56 32.93 -11.00
C GLY A 182 10.36 32.51 -10.17
N LEU A 183 10.17 31.19 -9.96
CA LEU A 183 9.05 30.71 -9.11
C LEU A 183 9.61 30.63 -7.72
N ASN A 184 8.78 30.86 -6.72
CA ASN A 184 9.23 30.68 -5.33
C ASN A 184 8.81 29.31 -4.89
N PRO A 185 9.45 28.78 -3.81
CA PRO A 185 8.93 27.56 -3.21
C PRO A 185 7.49 27.72 -2.76
N TYR A 186 6.72 26.63 -2.83
CA TYR A 186 5.36 26.57 -2.30
C TYR A 186 5.38 27.07 -0.87
N ASN A 187 4.65 28.17 -0.65
N ASN A 187 4.48 28.03 -0.59
CA ASN A 187 4.76 28.93 0.59
CA ASN A 187 4.33 28.59 0.77
C ASN A 187 3.48 28.88 1.39
C ASN A 187 3.93 27.59 1.86
N SER A 188 2.37 28.84 0.67
N SER A 188 4.50 27.75 3.06
CA SER A 188 1.15 29.53 1.10
CA SER A 188 4.17 26.83 4.14
C SER A 188 0.12 28.69 1.81
C SER A 188 2.82 27.18 4.74
N GLY A 189 0.10 27.40 1.46
N GLY A 189 2.34 26.31 5.63
CA GLY A 189 -0.97 26.50 1.87
CA GLY A 189 0.99 26.45 6.15
C GLY A 189 -1.18 26.44 3.36
C GLY A 189 0.17 25.63 5.17
N SER A 190 -2.44 26.48 3.76
N SER A 190 -0.84 26.24 4.55
CA SER A 190 -2.78 26.14 5.14
CA SER A 190 -1.63 25.49 3.58
C SER A 190 -3.11 24.66 5.29
C SER A 190 -2.04 24.11 4.04
N PHE A 191 -3.35 23.94 4.18
CA PHE A 191 -3.96 22.61 4.38
C PHE A 191 -3.86 21.64 3.20
N ILE A 192 -3.89 20.34 3.54
CA ILE A 192 -4.21 19.25 2.58
C ILE A 192 -5.56 18.64 3.01
N ALA A 193 -6.47 18.36 2.11
CA ALA A 193 -7.70 17.59 2.45
C ALA A 193 -7.92 16.41 1.53
N LEU A 194 -7.99 15.18 2.05
CA LEU A 194 -8.24 13.99 1.20
C LEU A 194 -9.71 13.58 1.02
N TYR A 195 -10.22 13.48 -0.24
CA TYR A 195 -11.56 13.09 -0.41
C TYR A 195 -11.48 11.64 -0.90
N TYR A 196 -12.66 11.07 -1.16
CA TYR A 196 -12.83 9.60 -1.46
C TYR A 196 -12.16 8.85 -0.31
N THR A 197 -12.62 9.09 0.91
CA THR A 197 -11.94 8.54 2.05
C THR A 197 -12.84 7.66 2.90
N HIS A 198 -12.25 6.66 3.56
CA HIS A 198 -13.01 5.80 4.39
C HIS A 198 -12.86 6.23 5.87
N LYS A 199 -11.94 7.15 6.17
CA LYS A 199 -11.75 7.65 7.55
C LYS A 199 -11.86 9.18 7.57
N PRO A 200 -13.02 9.72 7.20
CA PRO A 200 -13.14 11.18 7.13
C PRO A 200 -13.19 11.76 8.54
N ASN A 201 -12.61 12.94 8.75
CA ASN A 201 -12.79 13.54 10.07
C ASN A 201 -13.34 14.95 9.89
N TYR A 202 -13.70 15.31 8.66
CA TYR A 202 -14.39 16.57 8.48
C TYR A 202 -15.44 16.37 7.35
N ILE A 203 -16.72 16.75 7.56
CA ILE A 203 -17.79 16.46 6.62
C ILE A 203 -18.44 17.78 6.24
N VAL A 204 -18.68 17.99 4.97
CA VAL A 204 -19.39 19.19 4.47
C VAL A 204 -20.79 18.64 4.18
N ASP A 205 -21.80 19.27 4.76
CA ASP A 205 -23.19 18.99 4.44
C ASP A 205 -23.49 19.41 3.00
N ILE A 206 -23.83 18.43 2.15
CA ILE A 206 -24.22 18.75 0.79
C ILE A 206 -25.69 18.38 0.46
N THR A 207 -26.52 18.24 1.50
CA THR A 207 -27.95 17.93 1.35
C THR A 207 -28.68 18.79 0.27
N ASP A 208 -28.60 20.12 0.39
CA ASP A 208 -29.20 21.06 -0.56
C ASP A 208 -28.62 20.99 -1.97
N LEU A 209 -27.30 20.78 -1.99
CA LEU A 209 -26.53 20.73 -3.25
C LEU A 209 -26.56 19.39 -3.94
N MET A 210 -27.18 18.39 -3.33
CA MET A 210 -27.02 17.02 -3.90
C MET A 210 -27.47 17.00 -5.35
N GLU A 211 -28.59 17.63 -5.64
CA GLU A 211 -29.09 17.57 -7.01
C GLU A 211 -28.20 18.30 -8.05
N LEU A 212 -27.58 19.43 -7.67
CA LEU A 212 -26.59 20.08 -8.51
C LEU A 212 -25.36 19.19 -8.78
N LYS A 213 -24.90 18.53 -7.72
CA LYS A 213 -23.79 17.64 -7.83
C LYS A 213 -24.08 16.53 -8.86
N LEU A 214 -25.24 15.90 -8.73
CA LEU A 214 -25.60 14.84 -9.60
C LEU A 214 -25.78 15.33 -11.01
N LYS A 215 -26.35 16.53 -11.19
CA LYS A 215 -26.40 17.11 -12.51
C LYS A 215 -25.00 17.34 -13.10
N ALA A 216 -24.05 17.79 -12.29
CA ALA A 216 -22.77 18.17 -12.84
C ALA A 216 -21.93 16.94 -13.07
N ILE A 217 -22.25 15.84 -12.36
CA ILE A 217 -21.71 14.52 -12.68
C ILE A 217 -22.22 14.00 -14.05
N ARG A 218 -23.52 14.09 -14.27
CA ARG A 218 -24.16 13.56 -15.49
C ARG A 218 -23.80 14.28 -16.79
N VAL A 219 -23.33 15.53 -16.66
CA VAL A 219 -22.74 16.22 -17.78
C VAL A 219 -21.57 15.49 -18.40
N HIS A 220 -20.91 14.61 -17.62
CA HIS A 220 -19.89 13.70 -18.14
C HIS A 220 -20.62 12.58 -18.80
N ARG A 221 -21.32 12.86 -19.91
CA ARG A 221 -22.26 11.90 -20.50
C ARG A 221 -21.63 10.61 -20.98
N SER A 222 -20.43 10.71 -21.52
CA SER A 222 -19.67 9.56 -22.00
C SER A 222 -19.45 8.54 -20.91
N GLN A 223 -19.50 9.00 -19.68
CA GLN A 223 -19.20 8.16 -18.52
C GLN A 223 -20.49 7.58 -17.95
N PHE A 224 -21.59 8.32 -18.14
CA PHE A 224 -22.86 8.03 -17.50
C PHE A 224 -24.03 8.00 -18.48
N PRO A 225 -24.05 7.01 -19.40
CA PRO A 225 -25.29 6.83 -20.10
C PRO A 225 -26.34 6.14 -19.18
N ASP A 226 -27.56 6.03 -19.70
CA ASP A 226 -28.72 5.65 -18.87
C ASP A 226 -28.58 4.33 -18.16
N ASP A 227 -28.07 3.31 -18.83
CA ASP A 227 -27.93 2.03 -18.16
C ASP A 227 -26.87 2.07 -17.03
N ILE A 228 -25.81 2.86 -17.19
CA ILE A 228 -24.80 3.03 -16.09
C ILE A 228 -25.35 3.89 -14.91
N TRP A 229 -26.06 4.96 -15.26
CA TRP A 229 -26.72 5.79 -14.27
C TRP A 229 -27.74 5.04 -13.37
N GLU A 230 -28.44 4.01 -13.90
CA GLU A 230 -29.26 3.14 -13.02
C GLU A 230 -28.49 2.54 -11.82
N LYS A 231 -27.20 2.23 -11.95
CA LYS A 231 -26.38 1.73 -10.82
C LYS A 231 -25.69 2.90 -10.11
N TRP A 232 -25.23 3.88 -10.88
CA TRP A 232 -24.40 5.00 -10.32
C TRP A 232 -25.13 6.07 -9.45
N GLU A 233 -26.35 6.45 -9.82
CA GLU A 233 -27.14 7.36 -8.98
C GLU A 233 -27.39 6.84 -7.54
N PRO A 234 -27.87 5.61 -7.36
CA PRO A 234 -27.99 5.00 -6.03
C PRO A 234 -26.64 4.89 -5.29
N PHE A 235 -25.59 4.52 -6.02
CA PHE A 235 -24.22 4.36 -5.46
C PHE A 235 -23.75 5.72 -4.91
N LEU A 236 -23.91 6.72 -5.76
CA LEU A 236 -23.53 8.07 -5.36
C LEU A 236 -24.34 8.61 -4.17
N ARG A 237 -25.67 8.39 -4.16
CA ARG A 237 -26.55 8.80 -3.06
C ARG A 237 -26.16 8.05 -1.80
N THR A 238 -25.89 6.75 -1.92
CA THR A 238 -25.54 5.99 -0.70
C THR A 238 -24.23 6.47 -0.11
N ILE A 239 -23.26 6.73 -0.97
CA ILE A 239 -21.99 7.28 -0.54
C ILE A 239 -22.18 8.61 0.17
N ALA A 240 -22.95 9.49 -0.45
CA ALA A 240 -23.21 10.76 0.23
C ALA A 240 -23.91 10.59 1.63
N MET A 241 -24.84 9.62 1.77
CA MET A 241 -25.47 9.35 3.04
C MET A 241 -24.54 8.75 4.06
N PHE A 242 -23.64 7.88 3.62
CA PHE A 242 -22.57 7.42 4.52
C PHE A 242 -21.83 8.62 5.17
N TYR A 243 -21.45 9.60 4.34
CA TYR A 243 -20.76 10.80 4.88
C TYR A 243 -21.74 11.66 5.74
N GLY A 244 -22.91 11.97 5.16
CA GLY A 244 -23.94 12.75 5.85
C GLY A 244 -24.32 12.31 7.27
N GLU A 245 -24.52 11.00 7.45
CA GLU A 245 -24.95 10.47 8.71
C GLU A 245 -23.97 10.89 9.79
N LYS A 246 -22.71 11.08 9.37
CA LYS A 246 -21.63 11.29 10.29
C LYS A 246 -21.80 12.64 11.01
N ILE A 247 -22.51 13.59 10.40
CA ILE A 247 -22.82 14.84 11.03
C ILE A 247 -24.34 15.06 11.20
N GLY A 248 -25.10 13.97 11.22
CA GLY A 248 -26.56 14.01 11.31
C GLY A 248 -27.30 14.71 10.15
N VAL A 249 -26.75 14.69 8.92
CA VAL A 249 -27.49 15.28 7.76
C VAL A 249 -27.75 14.20 6.73
N ARG A 250 -28.60 14.49 5.75
CA ARG A 250 -28.89 13.50 4.73
C ARG A 250 -27.67 13.13 3.84
N TYR A 251 -27.03 14.13 3.23
CA TYR A 251 -25.94 13.88 2.28
C TYR A 251 -24.76 14.73 2.60
N GLY A 252 -23.59 14.12 2.63
CA GLY A 252 -22.36 14.83 2.88
C GLY A 252 -21.20 14.43 2.01
N GLU A 253 -20.16 15.26 2.04
CA GLU A 253 -18.87 14.94 1.45
C GLU A 253 -17.82 14.80 2.52
N GLY A 254 -17.16 13.67 2.60
CA GLY A 254 -16.11 13.51 3.65
C GLY A 254 -14.64 13.77 3.26
N PHE A 255 -13.88 14.36 4.19
CA PHE A 255 -12.48 14.67 3.91
C PHE A 255 -11.66 14.13 5.10
N ARG A 256 -10.45 13.69 4.86
CA ARG A 256 -9.54 13.48 6.00
C ARG A 256 -8.55 14.67 5.99
N ILE A 257 -8.44 15.33 7.14
CA ILE A 257 -7.57 16.52 7.29
C ILE A 257 -6.74 16.20 8.56
N MET A 258 -5.43 16.28 8.44
CA MET A 258 -4.52 16.05 9.59
C MET A 258 -3.45 17.08 9.64
N PRO A 259 -2.79 17.24 10.85
CA PRO A 259 -1.64 18.17 10.92
C PRO A 259 -0.59 17.60 9.97
N GLY A 260 0.23 18.48 9.40
CA GLY A 260 1.28 18.13 8.43
C GLY A 260 2.22 17.08 9.03
N LEU A 261 2.55 17.22 10.33
CA LEU A 261 3.41 16.18 10.92
C LEU A 261 2.91 14.76 10.87
N PHE A 262 1.59 14.58 10.82
CA PHE A 262 1.00 13.29 10.99
C PHE A 262 1.10 12.43 9.74
N TYR A 263 1.56 13.05 8.63
CA TYR A 263 1.86 12.32 7.38
C TYR A 263 3.26 11.66 7.34
N HIS A 264 3.90 11.61 8.52
CA HIS A 264 5.21 11.08 8.60
C HIS A 264 5.53 10.63 10.04
N ILE A 265 6.03 9.41 10.11
CA ILE A 265 6.47 8.73 11.33
C ILE A 265 5.52 8.76 12.50
N THR A 266 4.21 8.93 12.26
CA THR A 266 3.25 9.09 13.36
C THR A 266 2.46 7.81 13.65
N PRO A 267 2.56 7.26 14.91
CA PRO A 267 1.93 5.98 15.24
C PRO A 267 0.57 6.21 15.90
N PHE A 268 0.09 7.44 15.87
CA PHE A 268 -1.18 7.67 16.51
C PHE A 268 -2.12 8.48 15.62
N THR A 269 -2.02 8.23 14.32
CA THR A 269 -2.88 9.00 13.41
C THR A 269 -4.37 8.71 13.63
N ASP A 270 -4.70 7.57 14.22
CA ASP A 270 -6.12 7.20 14.42
C ASP A 270 -6.82 7.84 15.61
N LEU A 271 -6.12 8.74 16.31
CA LEU A 271 -6.71 9.51 17.38
C LEU A 271 -7.30 10.83 16.87
N ILE A 272 -7.15 11.09 15.57
CA ILE A 272 -7.98 12.12 14.94
C ILE A 272 -8.83 11.56 13.75
N ASP B 8 -5.50 -33.84 13.66
CA ASP B 8 -4.67 -33.75 14.91
C ASP B 8 -5.34 -32.92 16.04
N ILE B 9 -4.98 -31.63 16.21
CA ILE B 9 -5.60 -30.76 17.27
C ILE B 9 -7.09 -30.34 17.04
N ASP B 10 -7.79 -29.99 18.12
CA ASP B 10 -9.25 -29.77 18.09
C ASP B 10 -9.64 -28.47 17.36
N THR B 11 -9.19 -27.32 17.89
CA THR B 11 -9.64 -25.96 17.48
C THR B 11 -8.53 -25.14 16.75
N PHE B 12 -8.92 -24.12 16.01
CA PHE B 12 -7.95 -23.20 15.44
C PHE B 12 -7.02 -22.59 16.52
N GLU B 13 -7.59 -22.11 17.61
CA GLU B 13 -6.82 -21.53 18.74
C GLU B 13 -5.75 -22.46 19.27
N GLU B 14 -6.06 -23.74 19.41
CA GLU B 14 -5.04 -24.68 19.79
C GLU B 14 -3.95 -24.73 18.71
N ALA B 15 -4.37 -24.92 17.44
CA ALA B 15 -3.45 -24.97 16.29
C ALA B 15 -2.52 -23.75 16.27
N PHE B 16 -3.08 -22.56 16.37
CA PHE B 16 -2.30 -21.32 16.32
C PHE B 16 -1.27 -21.25 17.46
N ASN B 17 -1.75 -21.39 18.70
CA ASN B 17 -0.91 -21.46 19.91
C ASN B 17 0.26 -22.45 19.79
N LYS B 18 0.01 -23.65 19.27
CA LYS B 18 1.04 -24.67 19.06
C LYS B 18 2.03 -24.24 17.96
N LEU B 19 1.48 -23.61 16.91
CA LEU B 19 2.26 -23.04 15.84
C LEU B 19 3.32 -22.09 16.40
N LEU B 20 2.87 -21.08 17.10
CA LEU B 20 3.74 -20.04 17.63
C LEU B 20 4.72 -20.60 18.63
N ARG B 21 4.17 -21.26 19.64
CA ARG B 21 4.88 -21.73 20.80
C ARG B 21 5.92 -22.78 20.47
N GLU B 22 5.51 -23.85 19.78
CA GLU B 22 6.43 -24.96 19.58
C GLU B 22 7.03 -25.08 18.18
N VAL B 23 6.22 -24.94 17.14
CA VAL B 23 6.72 -25.08 15.77
C VAL B 23 7.67 -23.89 15.47
N LEU B 24 7.20 -22.69 15.78
CA LEU B 24 7.91 -21.47 15.44
C LEU B 24 8.78 -20.91 16.57
N GLU B 25 8.50 -21.29 17.82
CA GLU B 25 9.35 -20.90 18.96
C GLU B 25 9.37 -19.40 19.13
N PHE B 26 8.22 -18.74 18.98
CA PHE B 26 8.14 -17.26 19.04
C PHE B 26 8.10 -16.74 20.49
N ASP B 27 8.97 -15.79 20.77
CA ASP B 27 9.28 -15.35 22.12
C ASP B 27 9.54 -13.86 22.13
N LEU B 28 8.61 -13.11 22.68
CA LEU B 28 8.78 -11.66 22.76
C LEU B 28 9.26 -11.15 24.14
N GLN B 29 9.93 -11.97 24.94
CA GLN B 29 10.32 -11.43 26.25
C GLN B 29 11.68 -10.75 26.21
N ASN B 30 12.58 -11.30 25.39
CA ASN B 30 13.91 -10.73 25.12
C ASN B 30 14.42 -11.16 23.73
N PRO B 31 13.83 -10.60 22.66
CA PRO B 31 14.16 -11.08 21.30
C PRO B 31 15.56 -10.63 20.82
N PHE B 32 16.09 -9.56 21.43
CA PHE B 32 17.45 -9.11 21.13
C PHE B 32 18.47 -9.67 22.12
N LYS B 33 18.13 -10.78 22.80
CA LYS B 33 19.00 -11.30 23.88
C LYS B 33 20.35 -11.90 23.42
N ASP B 34 20.37 -12.56 22.24
CA ASP B 34 21.63 -13.19 21.80
C ASP B 34 22.40 -12.50 20.65
N ALA B 35 22.06 -11.23 20.36
CA ALA B 35 22.62 -10.51 19.22
C ALA B 35 24.01 -9.91 19.48
N LYS B 36 24.94 -10.20 18.57
CA LYS B 36 26.29 -9.63 18.62
C LYS B 36 26.51 -8.51 17.59
N LYS B 37 25.82 -8.64 16.46
CA LYS B 37 25.87 -7.66 15.40
C LYS B 37 24.47 -7.43 14.85
N VAL B 38 24.07 -6.15 14.81
CA VAL B 38 22.79 -5.72 14.17
C VAL B 38 23.00 -4.61 13.13
N LEU B 39 22.18 -4.62 12.05
CA LEU B 39 22.01 -3.48 11.11
C LEU B 39 20.82 -2.66 11.47
N CYS B 40 20.95 -1.34 11.59
CA CYS B 40 19.77 -0.46 11.66
C CYS B 40 19.65 0.32 10.32
N ILE B 41 18.60 0.05 9.56
CA ILE B 41 18.50 0.63 8.22
C ILE B 41 17.64 1.87 8.40
N GLU B 42 18.15 3.00 7.93
CA GLU B 42 17.42 4.27 7.97
C GLU B 42 17.27 4.82 6.61
N PRO B 43 16.15 5.43 6.39
CA PRO B 43 15.97 6.01 5.05
C PRO B 43 16.81 7.26 4.84
N HIS B 44 16.85 8.11 5.91
CA HIS B 44 17.57 9.37 5.89
C HIS B 44 18.54 9.49 7.05
N PRO B 45 19.56 10.38 6.90
CA PRO B 45 20.43 10.66 8.05
C PRO B 45 19.56 11.20 9.18
N ASP B 46 19.65 10.62 10.37
CA ASP B 46 18.77 10.93 11.57
C ASP B 46 17.61 9.97 11.92
N ASP B 47 17.22 9.08 10.99
CA ASP B 47 16.04 8.21 11.28
C ASP B 47 16.28 7.12 12.37
N CYS B 48 17.45 6.50 12.37
CA CYS B 48 17.83 5.51 13.38
C CYS B 48 17.80 6.14 14.78
N VAL B 49 18.35 7.34 14.89
CA VAL B 49 18.28 8.09 16.19
C VAL B 49 16.85 8.55 16.60
N ILE B 50 16.04 9.13 15.70
CA ILE B 50 14.68 9.47 16.06
C ILE B 50 13.85 8.28 16.45
N GLY B 51 14.03 7.14 15.77
CA GLY B 51 13.12 6.03 15.87
C GLY B 51 13.63 4.98 16.83
N MET B 52 14.92 4.93 17.05
CA MET B 52 15.38 3.94 18.01
C MET B 52 16.71 4.28 18.67
N GLY B 53 17.04 5.57 18.79
CA GLY B 53 18.37 5.94 19.33
C GLY B 53 18.60 5.44 20.77
N GLY B 54 17.56 5.59 21.59
CA GLY B 54 17.54 5.00 22.96
C GLY B 54 17.89 3.51 22.97
N THR B 55 17.30 2.74 22.05
CA THR B 55 17.55 1.29 21.95
C THR B 55 18.91 1.05 21.40
N ILE B 56 19.34 1.88 20.46
CA ILE B 56 20.70 1.75 19.97
C ILE B 56 21.68 1.93 21.16
N LYS B 57 21.54 3.02 21.92
CA LYS B 57 22.40 3.19 23.14
C LYS B 57 22.41 1.91 23.98
N LYS B 58 21.24 1.40 24.35
CA LYS B 58 21.16 0.19 25.17
C LYS B 58 21.81 -1.02 24.54
N LEU B 59 21.71 -1.18 23.23
CA LEU B 59 22.46 -2.28 22.57
C LEU B 59 23.96 -2.07 22.63
N SER B 60 24.39 -0.85 22.36
CA SER B 60 25.81 -0.57 22.34
C SER B 60 26.33 -0.94 23.71
N ASP B 61 25.81 -0.28 24.75
CA ASP B 61 26.20 -0.54 26.16
C ASP B 61 26.22 -2.01 26.55
N MET B 62 25.43 -2.82 25.86
CA MET B 62 25.32 -4.24 26.17
C MET B 62 26.37 -5.09 25.47
N GLY B 63 27.26 -4.45 24.70
CA GLY B 63 28.29 -5.15 23.91
C GLY B 63 27.87 -5.54 22.48
N VAL B 64 26.77 -5.00 21.98
CA VAL B 64 26.31 -5.40 20.64
C VAL B 64 26.96 -4.48 19.64
N GLU B 65 27.41 -4.99 18.50
CA GLU B 65 27.92 -4.08 17.45
C GLU B 65 26.81 -3.43 16.58
N VAL B 66 26.60 -2.13 16.68
CA VAL B 66 25.53 -1.47 15.87
C VAL B 66 26.07 -0.78 14.60
N ILE B 67 25.56 -1.21 13.43
CA ILE B 67 25.99 -0.81 12.11
C ILE B 67 24.80 -0.11 11.38
N TYR B 68 24.96 1.16 11.04
CA TYR B 68 23.95 1.92 10.25
C TYR B 68 24.13 1.57 8.75
N VAL B 69 23.01 1.46 8.07
CA VAL B 69 22.93 1.50 6.58
C VAL B 69 21.89 2.61 6.33
N CYS B 70 22.35 3.72 5.74
CA CYS B 70 21.55 4.91 5.49
C CYS B 70 21.28 4.96 3.96
N MET B 71 20.01 4.94 3.58
CA MET B 71 19.62 4.66 2.16
C MET B 71 19.94 5.87 1.27
N THR B 72 19.76 7.06 1.83
CA THR B 72 19.85 8.24 1.05
C THR B 72 20.77 9.22 1.71
N ASP B 73 20.91 10.41 1.11
CA ASP B 73 21.94 11.33 1.50
C ASP B 73 21.37 12.55 2.21
N GLY B 74 20.04 12.64 2.37
CA GLY B 74 19.46 13.84 3.04
C GLY B 74 19.46 15.14 2.25
N TYR B 75 19.72 15.01 0.95
CA TYR B 75 19.99 16.13 0.05
C TYR B 75 18.92 17.20 -0.02
N MET B 76 17.67 16.84 0.18
CA MET B 76 16.54 17.73 -0.06
C MET B 76 16.05 18.45 1.19
N GLY B 77 16.61 18.05 2.33
CA GLY B 77 16.02 18.48 3.59
C GLY B 77 16.38 19.81 4.22
N THR B 78 16.14 20.89 3.47
CA THR B 78 16.33 22.22 4.04
C THR B 78 15.41 23.18 3.29
N THR B 79 14.95 24.21 3.96
CA THR B 79 14.25 25.29 3.25
C THR B 79 15.20 26.50 3.06
N ASP B 80 16.44 26.34 3.52
CA ASP B 80 17.50 27.38 3.39
C ASP B 80 17.97 27.50 1.94
N GLU B 81 17.56 28.57 1.25
CA GLU B 81 17.80 28.75 -0.19
C GLU B 81 19.30 28.96 -0.46
N SER B 82 20.07 29.28 0.59
CA SER B 82 21.53 29.44 0.47
C SER B 82 22.33 28.11 0.70
N LEU B 83 21.62 27.01 0.90
CA LEU B 83 22.26 25.74 1.15
C LEU B 83 21.83 24.81 0.02
N SER B 84 22.78 24.40 -0.83
CA SER B 84 22.47 23.44 -1.91
C SER B 84 22.39 21.99 -1.40
N GLY B 85 21.92 21.08 -2.25
CA GLY B 85 21.70 19.72 -1.80
C GLY B 85 23.02 19.04 -1.61
N HIS B 86 24.00 19.39 -2.45
CA HIS B 86 25.35 18.83 -2.27
C HIS B 86 26.00 19.25 -0.96
N GLU B 87 25.94 20.54 -0.63
CA GLU B 87 26.46 21.10 0.62
C GLU B 87 25.71 20.48 1.81
N LEU B 88 24.38 20.40 1.71
CA LEU B 88 23.56 19.79 2.76
C LEU B 88 23.89 18.35 2.99
N ALA B 89 24.07 17.57 1.92
CA ALA B 89 24.48 16.20 2.09
C ALA B 89 25.80 16.07 2.79
N ALA B 90 26.77 16.93 2.45
CA ALA B 90 28.06 16.84 3.14
C ALA B 90 27.89 17.16 4.63
N ILE B 91 27.05 18.15 4.93
CA ILE B 91 26.81 18.52 6.34
C ILE B 91 26.12 17.40 7.14
N ARG B 92 25.17 16.70 6.51
CA ARG B 92 24.45 15.62 7.17
C ARG B 92 25.22 14.35 7.45
N ARG B 93 26.18 14.03 6.60
CA ARG B 93 27.13 12.93 6.91
C ARG B 93 27.92 13.27 8.19
N LYS B 94 28.31 14.54 8.33
CA LYS B 94 29.02 14.91 9.56
C LYS B 94 28.11 14.83 10.77
N GLU B 95 26.91 15.42 10.67
CA GLU B 95 25.82 15.31 11.65
C GLU B 95 25.59 13.87 12.07
N GLU B 96 25.48 12.98 11.09
CA GLU B 96 25.19 11.57 11.41
C GLU B 96 26.36 10.92 12.16
N GLU B 97 27.58 11.22 11.73
CA GLU B 97 28.77 10.62 12.34
C GLU B 97 28.89 10.94 13.83
N GLU B 98 28.59 12.19 14.18
CA GLU B 98 28.68 12.71 15.55
C GLU B 98 27.52 12.17 16.41
N SER B 99 26.30 12.31 15.88
CA SER B 99 25.14 11.74 16.53
C SER B 99 25.30 10.25 16.83
N ALA B 100 25.85 9.48 15.92
CA ALA B 100 26.04 8.06 16.22
C ALA B 100 27.19 7.78 17.18
N ARG B 101 28.16 8.68 17.31
CA ARG B 101 29.26 8.42 18.26
C ARG B 101 28.60 8.41 19.64
N LEU B 102 27.75 9.42 19.88
CA LEU B 102 27.03 9.58 21.15
C LEU B 102 26.25 8.34 21.48
N LEU B 103 25.79 7.61 20.48
CA LEU B 103 25.05 6.38 20.76
C LEU B 103 25.91 5.17 20.72
N GLY B 104 27.21 5.36 20.47
CA GLY B 104 28.14 4.22 20.46
C GLY B 104 28.17 3.50 19.11
N VAL B 105 27.67 4.19 18.07
CA VAL B 105 27.61 3.54 16.76
C VAL B 105 28.97 3.52 16.14
N LYS B 106 29.34 2.28 15.83
CA LYS B 106 30.51 1.85 15.09
C LYS B 106 30.79 2.45 13.67
N LYS B 107 29.96 2.05 12.73
CA LYS B 107 30.23 2.00 11.31
C LYS B 107 28.93 2.46 10.63
N ILE B 108 29.06 3.13 9.48
CA ILE B 108 27.93 3.55 8.68
C ILE B 108 28.21 3.27 7.18
N TYR B 109 27.41 2.39 6.58
CA TYR B 109 27.33 2.19 5.11
C TYR B 109 26.42 3.25 4.55
N TRP B 110 26.93 4.13 3.71
CA TRP B 110 26.09 5.13 3.05
C TRP B 110 25.79 4.57 1.64
N LEU B 111 24.52 4.43 1.30
CA LEU B 111 24.17 3.95 -0.06
C LEU B 111 24.12 5.09 -1.07
N ASN B 112 23.88 6.32 -0.62
CA ASN B 112 23.96 7.50 -1.51
C ASN B 112 22.92 7.62 -2.64
N TYR B 113 21.80 6.93 -2.51
CA TYR B 113 20.62 7.33 -3.30
C TYR B 113 20.27 8.77 -2.91
N ARG B 114 19.87 9.56 -3.88
CA ARG B 114 19.35 10.88 -3.51
C ARG B 114 18.00 10.84 -2.75
N ASP B 115 17.96 11.60 -1.65
CA ASP B 115 16.82 11.80 -0.83
C ASP B 115 15.66 12.27 -1.77
N THR B 116 14.44 11.78 -1.49
CA THR B 116 13.23 11.83 -2.35
C THR B 116 13.27 10.94 -3.61
N GLU B 117 14.35 10.18 -3.82
CA GLU B 117 14.55 9.45 -5.09
C GLU B 117 14.99 8.02 -4.86
N LEU B 118 14.83 7.51 -3.64
CA LEU B 118 15.25 6.09 -3.38
C LEU B 118 14.45 5.15 -4.33
N PRO B 119 15.13 4.44 -5.21
CA PRO B 119 14.39 3.55 -6.16
C PRO B 119 13.71 2.38 -5.43
N TYR B 120 12.66 1.80 -6.01
CA TYR B 120 12.11 0.52 -5.55
C TYR B 120 12.39 -0.49 -6.64
N SER B 121 13.47 -1.24 -6.46
CA SER B 121 14.04 -1.99 -7.56
C SER B 121 14.95 -3.13 -7.09
N ARG B 122 15.17 -4.05 -8.04
CA ARG B 122 16.16 -5.16 -7.82
C ARG B 122 17.56 -4.61 -7.51
N GLU B 123 17.95 -3.51 -8.13
CA GLU B 123 19.22 -2.90 -7.85
C GLU B 123 19.44 -2.58 -6.36
N VAL B 124 18.44 -1.98 -5.73
CA VAL B 124 18.64 -1.53 -4.32
C VAL B 124 18.68 -2.78 -3.42
N ARG B 125 17.89 -3.78 -3.77
CA ARG B 125 17.92 -5.05 -3.08
C ARG B 125 19.27 -5.68 -3.17
N LYS B 126 19.91 -5.59 -4.33
CA LYS B 126 21.27 -6.15 -4.43
C LYS B 126 22.31 -5.43 -3.53
N ASP B 127 22.19 -4.10 -3.40
CA ASP B 127 23.06 -3.31 -2.55
C ASP B 127 22.88 -3.75 -1.07
N LEU B 128 21.64 -3.91 -0.59
CA LEU B 128 21.39 -4.31 0.79
C LEU B 128 21.83 -5.72 0.97
N THR B 129 21.58 -6.54 -0.06
CA THR B 129 22.01 -7.95 -0.06
C THR B 129 23.51 -8.09 0.06
N LYS B 130 24.28 -7.23 -0.61
CA LYS B 130 25.73 -7.27 -0.56
C LYS B 130 26.21 -7.02 0.88
N ILE B 131 25.62 -6.03 1.53
CA ILE B 131 25.91 -5.77 2.93
C ILE B 131 25.50 -6.86 3.93
N LEU B 132 24.30 -7.41 3.78
CA LEU B 132 23.87 -8.60 4.55
C LEU B 132 24.80 -9.78 4.43
N ARG B 133 25.20 -10.10 3.21
CA ARG B 133 26.14 -11.17 2.96
C ARG B 133 27.54 -10.84 3.50
N LYS B 134 27.96 -9.57 3.45
CA LYS B 134 29.24 -9.23 4.02
C LYS B 134 29.22 -9.29 5.55
N GLU B 135 28.25 -8.64 6.18
CA GLU B 135 28.30 -8.44 7.61
C GLU B 135 27.66 -9.58 8.38
N GLN B 136 26.79 -10.38 7.72
CA GLN B 136 26.01 -11.41 8.42
C GLN B 136 25.55 -11.00 9.82
N PRO B 137 24.73 -9.93 9.92
CA PRO B 137 24.17 -9.57 11.22
C PRO B 137 23.24 -10.67 11.76
N ASP B 138 23.13 -10.73 13.10
CA ASP B 138 22.07 -11.45 13.82
C ASP B 138 20.67 -10.83 13.81
N GLY B 139 20.59 -9.53 13.61
CA GLY B 139 19.27 -8.92 13.53
C GLY B 139 19.29 -7.67 12.64
N VAL B 140 18.11 -7.25 12.18
CA VAL B 140 18.01 -6.09 11.26
C VAL B 140 16.86 -5.19 11.72
N PHE B 141 17.09 -3.90 11.84
CA PHE B 141 16.03 -2.96 12.13
C PHE B 141 15.73 -2.14 10.91
N ALA B 142 14.49 -1.69 10.78
CA ALA B 142 14.01 -0.96 9.56
C ALA B 142 12.65 -0.39 9.84
N PRO B 143 12.26 0.70 9.14
CA PRO B 143 10.97 1.26 9.36
C PRO B 143 9.87 0.28 8.90
N ASP B 144 8.72 0.32 9.56
CA ASP B 144 7.59 -0.51 9.22
C ASP B 144 6.94 0.12 7.99
N PRO B 145 6.99 -0.58 6.85
CA PRO B 145 6.36 0.02 5.60
C PRO B 145 4.82 0.14 5.66
N TRP B 146 4.18 -0.49 6.62
CA TRP B 146 2.74 -0.40 6.75
C TRP B 146 2.24 0.72 7.66
N LEU B 147 3.15 1.55 8.13
CA LEU B 147 2.71 2.62 9.04
C LEU B 147 1.60 3.44 8.37
N PRO B 148 0.48 3.69 9.08
CA PRO B 148 -0.64 4.45 8.49
C PRO B 148 -0.24 5.87 8.22
N TYR B 149 -0.72 6.35 7.07
CA TYR B 149 -0.45 7.67 6.57
C TYR B 149 0.99 8.08 6.33
N GLU B 150 1.92 7.12 6.27
CA GLU B 150 3.30 7.39 6.01
C GLU B 150 3.41 7.88 4.60
N SER B 151 3.63 9.18 4.45
CA SER B 151 3.60 9.72 3.13
C SER B 151 5.00 9.89 2.48
N HIS B 152 6.09 9.43 3.11
CA HIS B 152 7.42 9.60 2.49
C HIS B 152 7.82 8.34 1.77
N PRO B 153 7.90 8.38 0.40
CA PRO B 153 8.31 7.18 -0.37
C PRO B 153 9.63 6.59 0.04
N ASP B 154 10.55 7.41 0.56
CA ASP B 154 11.85 6.83 1.03
C ASP B 154 11.61 5.89 2.21
N HIS B 155 10.57 6.22 2.95
CA HIS B 155 10.25 5.41 4.12
C HIS B 155 9.60 4.08 3.82
N ARG B 156 8.48 4.16 3.10
CA ARG B 156 7.83 3.00 2.53
C ARG B 156 8.86 2.06 1.88
N ARG B 157 9.67 2.58 0.93
CA ARG B 157 10.56 1.83 0.10
C ARG B 157 11.67 1.18 0.96
N THR B 158 12.24 1.97 1.87
CA THR B 158 13.19 1.33 2.75
C THR B 158 12.68 0.07 3.47
N GLY B 159 11.53 0.18 4.10
CA GLY B 159 10.94 -0.88 4.88
C GLY B 159 10.70 -2.06 3.98
N PHE B 160 10.06 -1.83 2.82
CA PHE B 160 9.86 -2.97 1.88
C PHE B 160 11.13 -3.62 1.41
N LEU B 161 12.13 -2.81 1.03
CA LEU B 161 13.37 -3.33 0.51
C LEU B 161 14.12 -4.15 1.60
N ALA B 162 14.08 -3.67 2.84
CA ALA B 162 14.79 -4.37 3.92
C ALA B 162 14.22 -5.77 4.15
N ILE B 163 12.93 -5.86 4.36
CA ILE B 163 12.28 -7.13 4.60
C ILE B 163 12.55 -8.04 3.40
N GLU B 164 12.41 -7.49 2.15
CA GLU B 164 12.65 -8.32 0.95
C GLU B 164 14.08 -8.81 0.89
N SER B 165 15.01 -7.89 1.22
CA SER B 165 16.39 -8.22 1.07
C SER B 165 16.84 -9.25 2.10
N VAL B 166 16.30 -9.17 3.32
CA VAL B 166 16.62 -10.12 4.37
C VAL B 166 16.18 -11.52 3.86
N ALA B 167 15.14 -11.60 3.04
CA ALA B 167 14.72 -12.91 2.53
C ALA B 167 15.56 -13.35 1.35
N PHE B 168 15.60 -12.53 0.30
CA PHE B 168 16.28 -12.87 -0.94
C PHE B 168 17.77 -13.03 -0.85
N SER B 169 18.45 -12.35 0.10
CA SER B 169 19.91 -12.51 0.29
C SER B 169 20.25 -13.94 0.72
N GLN B 170 19.25 -14.70 1.06
CA GLN B 170 19.46 -16.07 1.58
C GLN B 170 19.53 -17.07 0.44
N LEU B 171 19.16 -16.58 -0.76
CA LEU B 171 19.02 -17.41 -1.97
C LEU B 171 20.20 -17.27 -2.89
N PRO B 172 20.95 -18.38 -3.10
CA PRO B 172 22.21 -18.36 -3.81
C PRO B 172 22.03 -17.87 -5.24
N ASN B 173 20.85 -18.07 -5.81
CA ASN B 173 20.57 -17.62 -7.21
C ASN B 173 20.16 -16.14 -7.41
N PHE B 174 20.02 -15.45 -6.31
CA PHE B 174 19.66 -14.05 -6.25
C PHE B 174 20.99 -13.26 -6.04
N SER B 175 21.21 -12.36 -6.98
CA SER B 175 22.42 -11.55 -7.03
C SER B 175 23.66 -12.46 -6.88
N ASN B 176 23.78 -13.43 -7.81
CA ASN B 176 24.70 -14.55 -7.68
C ASN B 176 26.14 -14.15 -7.88
N THR B 177 26.33 -12.99 -8.55
CA THR B 177 27.67 -12.40 -8.64
C THR B 177 28.31 -12.23 -7.23
N ASP B 178 27.51 -11.90 -6.25
CA ASP B 178 28.03 -11.83 -4.83
C ASP B 178 28.82 -13.10 -4.45
N LEU B 179 28.20 -14.25 -4.67
CA LEU B 179 28.81 -15.55 -4.39
C LEU B 179 30.06 -15.78 -5.21
N ASP B 180 30.01 -15.41 -6.49
CA ASP B 180 31.13 -15.51 -7.38
C ASP B 180 32.37 -14.76 -6.94
N ILE B 181 32.22 -13.67 -6.17
CA ILE B 181 33.36 -12.91 -5.67
C ILE B 181 33.74 -13.27 -4.22
N GLY B 182 33.07 -14.28 -3.67
CA GLY B 182 33.52 -14.91 -2.41
C GLY B 182 32.59 -14.72 -1.23
N LEU B 183 31.51 -13.94 -1.37
CA LEU B 183 30.46 -13.84 -0.34
C LEU B 183 29.61 -15.12 -0.24
N ASN B 184 29.11 -15.37 0.96
CA ASN B 184 28.15 -16.43 1.18
C ASN B 184 26.73 -15.85 1.26
N PRO B 185 25.69 -16.67 1.04
CA PRO B 185 24.36 -16.17 1.28
C PRO B 185 24.17 -15.82 2.76
N TYR B 186 23.20 -14.96 3.03
CA TYR B 186 22.89 -14.46 4.36
C TYR B 186 22.30 -15.61 5.17
N ASN B 187 22.73 -15.73 6.44
N ASN B 187 22.72 -15.79 6.44
CA ASN B 187 22.56 -16.97 7.22
CA ASN B 187 21.97 -16.67 7.37
C ASN B 187 21.27 -17.24 8.02
C ASN B 187 20.73 -15.89 7.82
N SER B 188 21.25 -16.88 9.30
N SER B 188 19.54 -16.46 8.00
CA SER B 188 22.31 -16.15 9.97
CA SER B 188 19.14 -17.87 8.21
C SER B 188 21.65 -15.16 10.92
C SER B 188 18.52 -17.97 9.60
N GLY B 189 20.98 -14.15 10.34
N GLY B 189 19.36 -17.84 10.62
CA GLY B 189 20.15 -13.26 11.11
CA GLY B 189 18.80 -17.54 11.93
C GLY B 189 19.12 -13.99 11.95
C GLY B 189 18.65 -16.05 11.79
N SER B 190 18.99 -13.56 13.20
N SER B 190 17.89 -15.40 12.65
CA SER B 190 17.93 -14.12 14.02
CA SER B 190 17.99 -13.94 12.60
C SER B 190 16.59 -13.41 13.86
C SER B 190 16.68 -13.23 12.45
N PHE B 191 16.55 -12.19 13.26
CA PHE B 191 15.32 -11.40 13.35
C PHE B 191 15.24 -10.12 12.53
N ILE B 192 14.02 -9.63 12.38
CA ILE B 192 13.77 -8.33 11.75
C ILE B 192 12.96 -7.67 12.76
N ALA B 193 13.23 -6.42 13.07
CA ALA B 193 12.33 -5.71 13.94
C ALA B 193 11.99 -4.40 13.25
N LEU B 194 10.71 -4.08 13.19
CA LEU B 194 10.35 -2.87 12.55
C LEU B 194 10.08 -1.75 13.54
N TYR B 195 10.81 -0.66 13.37
CA TYR B 195 10.51 0.55 14.13
C TYR B 195 9.60 1.52 13.35
N TYR B 196 9.34 2.68 13.96
CA TYR B 196 8.39 3.63 13.40
C TYR B 196 7.06 2.94 13.06
N THR B 197 6.45 2.33 14.07
CA THR B 197 5.30 1.41 13.84
C THR B 197 4.08 1.73 14.73
N HIS B 198 2.89 1.54 14.16
CA HIS B 198 1.59 1.73 14.84
C HIS B 198 1.22 0.49 15.68
N LYS B 199 1.82 -0.66 15.37
CA LYS B 199 1.38 -1.93 15.93
C LYS B 199 2.61 -2.59 16.54
N PRO B 200 3.26 -1.92 17.51
CA PRO B 200 4.37 -2.57 18.15
C PRO B 200 3.88 -3.64 19.06
N ASN B 201 4.66 -4.70 19.15
CA ASN B 201 4.39 -5.78 20.08
C ASN B 201 5.61 -6.07 21.01
N TYR B 202 6.60 -5.16 20.98
CA TYR B 202 7.80 -5.18 21.86
C TYR B 202 8.25 -3.73 22.09
N ILE B 203 8.31 -3.31 23.37
CA ILE B 203 8.57 -1.89 23.70
C ILE B 203 9.77 -1.78 24.62
N VAL B 204 10.70 -0.88 24.29
CA VAL B 204 11.93 -0.70 25.05
C VAL B 204 11.71 0.54 25.91
N ASP B 205 11.91 0.41 27.23
CA ASP B 205 11.81 1.60 28.09
C ASP B 205 13.10 2.36 27.87
N ILE B 206 12.98 3.64 27.51
CA ILE B 206 14.14 4.53 27.31
C ILE B 206 13.95 5.78 28.16
N THR B 207 13.11 5.65 29.21
CA THR B 207 12.84 6.80 30.11
C THR B 207 14.17 7.44 30.62
N ASP B 208 15.09 6.56 31.00
CA ASP B 208 16.42 6.84 31.47
C ASP B 208 17.28 7.56 30.38
N LEU B 209 16.99 7.27 29.10
CA LEU B 209 17.87 7.68 27.99
C LEU B 209 17.29 8.76 27.14
N MET B 210 16.10 9.23 27.49
CA MET B 210 15.41 10.19 26.68
C MET B 210 16.20 11.48 26.50
N GLU B 211 16.86 11.97 27.55
CA GLU B 211 17.64 13.19 27.37
C GLU B 211 18.83 13.01 26.40
N LEU B 212 19.49 11.86 26.46
CA LEU B 212 20.54 11.57 25.55
C LEU B 212 19.98 11.51 24.09
N LYS B 213 18.94 10.70 23.90
CA LYS B 213 18.27 10.59 22.62
C LYS B 213 17.96 11.99 22.09
N LEU B 214 17.39 12.86 22.92
CA LEU B 214 17.05 14.25 22.44
C LEU B 214 18.26 15.09 22.01
N LYS B 215 19.36 14.92 22.75
CA LYS B 215 20.63 15.55 22.44
C LYS B 215 21.23 15.01 21.09
N ALA B 216 21.28 13.68 20.93
CA ALA B 216 21.84 13.07 19.74
C ALA B 216 20.97 13.44 18.51
N ILE B 217 19.68 13.61 18.71
CA ILE B 217 18.81 14.04 17.61
C ILE B 217 19.22 15.46 17.25
N ARG B 218 19.35 16.32 18.27
CA ARG B 218 19.57 17.74 18.01
C ARG B 218 20.88 18.04 17.26
N VAL B 219 21.82 17.10 17.37
CA VAL B 219 23.12 17.11 16.72
C VAL B 219 22.95 17.20 15.21
N HIS B 220 21.84 16.65 14.71
CA HIS B 220 21.43 16.97 13.34
C HIS B 220 20.90 18.37 13.31
N ARG B 221 21.78 19.38 13.36
CA ARG B 221 21.31 20.79 13.47
C ARG B 221 20.64 21.34 12.22
N SER B 222 21.09 20.89 11.03
CA SER B 222 20.44 21.34 9.74
C SER B 222 18.93 21.04 9.74
N GLN B 223 18.53 19.99 10.46
CA GLN B 223 17.16 19.46 10.46
C GLN B 223 16.38 20.05 11.63
N PHE B 224 17.10 20.51 12.68
CA PHE B 224 16.44 20.93 13.87
C PHE B 224 16.86 22.30 14.41
N PRO B 225 16.74 23.35 13.56
CA PRO B 225 16.97 24.74 14.03
C PRO B 225 15.97 25.02 15.17
N ASP B 226 16.11 26.18 15.82
CA ASP B 226 15.34 26.46 17.04
C ASP B 226 13.84 26.45 16.81
N ASP B 227 13.39 27.13 15.78
CA ASP B 227 11.97 27.22 15.57
C ASP B 227 11.34 25.88 15.14
N ILE B 228 12.11 24.97 14.56
CA ILE B 228 11.54 23.69 14.19
C ILE B 228 11.40 22.84 15.44
N TRP B 229 12.37 22.98 16.35
CA TRP B 229 12.43 22.24 17.60
C TRP B 229 11.30 22.61 18.56
N GLU B 230 10.77 23.83 18.43
CA GLU B 230 9.60 24.28 19.19
C GLU B 230 8.38 23.39 18.91
N LYS B 231 8.40 22.66 17.79
CA LYS B 231 7.33 21.73 17.41
C LYS B 231 7.81 20.30 17.60
N TRP B 232 9.05 20.03 17.19
CA TRP B 232 9.56 18.66 17.14
C TRP B 232 9.82 18.07 18.54
N GLU B 233 10.19 18.94 19.46
CA GLU B 233 10.46 18.37 20.79
C GLU B 233 9.19 17.84 21.47
N PRO B 234 8.12 18.63 21.51
CA PRO B 234 6.83 18.14 21.98
C PRO B 234 6.35 16.90 21.20
N PHE B 235 6.50 16.94 19.87
CA PHE B 235 6.08 15.83 18.98
C PHE B 235 6.80 14.58 19.39
N LEU B 236 8.11 14.67 19.58
CA LEU B 236 8.94 13.49 19.83
C LEU B 236 8.77 12.90 21.24
N ARG B 237 8.57 13.78 22.22
CA ARG B 237 8.20 13.33 23.57
C ARG B 237 6.82 12.65 23.54
N THR B 238 5.92 13.16 22.70
CA THR B 238 4.55 12.64 22.72
C THR B 238 4.55 11.23 22.10
N ILE B 239 5.39 11.01 21.10
CA ILE B 239 5.56 9.69 20.52
C ILE B 239 6.21 8.74 21.52
N ALA B 240 7.27 9.17 22.18
CA ALA B 240 7.87 8.32 23.26
C ALA B 240 6.84 7.94 24.34
N MET B 241 5.96 8.86 24.69
CA MET B 241 4.85 8.61 25.64
C MET B 241 3.81 7.65 25.11
N PHE B 242 3.53 7.72 23.79
CA PHE B 242 2.65 6.77 23.12
C PHE B 242 3.15 5.34 23.32
N TYR B 243 4.42 5.12 23.03
CA TYR B 243 5.02 3.78 23.13
C TYR B 243 5.14 3.38 24.58
N GLY B 244 5.51 4.32 25.44
CA GLY B 244 5.77 3.97 26.86
C GLY B 244 4.55 3.46 27.60
N GLU B 245 3.48 4.23 27.49
CA GLU B 245 2.19 3.92 28.05
C GLU B 245 1.75 2.49 27.78
N LYS B 246 2.20 1.93 26.67
CA LYS B 246 1.85 0.54 26.39
C LYS B 246 2.41 -0.43 27.41
N ILE B 247 3.52 -0.10 28.06
CA ILE B 247 4.09 -0.97 29.12
C ILE B 247 4.20 -0.21 30.45
N GLY B 248 3.43 0.88 30.55
CA GLY B 248 3.34 1.72 31.70
C GLY B 248 4.59 2.37 32.20
N VAL B 249 5.46 2.79 31.28
CA VAL B 249 6.63 3.58 31.65
C VAL B 249 6.46 4.88 30.96
N ARG B 250 7.33 5.82 31.28
CA ARG B 250 7.16 7.21 30.80
C ARG B 250 7.46 7.39 29.28
N TYR B 251 8.67 6.98 28.88
CA TYR B 251 9.21 7.06 27.50
C TYR B 251 9.59 5.71 26.98
N GLY B 252 9.05 5.35 25.81
CA GLY B 252 9.38 4.07 25.20
C GLY B 252 9.67 4.16 23.70
N GLU B 253 10.25 3.08 23.17
CA GLU B 253 10.46 2.91 21.72
C GLU B 253 9.82 1.60 21.29
N GLY B 254 8.95 1.64 20.26
CA GLY B 254 8.19 0.43 19.86
C GLY B 254 8.69 -0.29 18.63
N PHE B 255 8.71 -1.62 18.71
CA PHE B 255 9.14 -2.48 17.65
C PHE B 255 8.02 -3.49 17.30
N ARG B 256 7.86 -3.80 16.00
CA ARG B 256 7.06 -4.97 15.63
C ARG B 256 7.89 -6.18 15.16
N ILE B 257 7.68 -7.32 15.82
CA ILE B 257 8.47 -8.49 15.52
C ILE B 257 7.52 -9.65 15.29
N MET B 258 7.81 -10.50 14.31
CA MET B 258 6.89 -11.56 13.93
C MET B 258 7.70 -12.75 13.46
N PRO B 259 7.16 -13.98 13.57
CA PRO B 259 7.96 -15.11 12.95
C PRO B 259 8.12 -14.90 11.43
N GLY B 260 9.16 -15.45 10.84
CA GLY B 260 9.53 -15.22 9.47
C GLY B 260 8.36 -15.57 8.59
N LEU B 261 7.63 -16.63 8.97
CA LEU B 261 6.50 -17.14 8.19
C LEU B 261 5.41 -16.14 7.97
N PHE B 262 5.24 -15.23 8.92
CA PHE B 262 4.09 -14.31 8.93
C PHE B 262 4.06 -13.17 7.87
N TYR B 263 5.22 -12.89 7.27
CA TYR B 263 5.43 -11.87 6.21
C TYR B 263 5.04 -12.41 4.86
N HIS B 264 4.41 -13.59 4.86
CA HIS B 264 3.98 -14.22 3.64
C HIS B 264 2.73 -15.08 3.84
N ILE B 265 1.68 -14.75 3.07
CA ILE B 265 0.41 -15.48 3.01
C ILE B 265 -0.31 -15.82 4.29
N THR B 266 -0.12 -15.03 5.34
CA THR B 266 -0.67 -15.28 6.65
C THR B 266 -1.87 -14.40 6.90
N PRO B 267 -3.04 -15.02 7.16
CA PRO B 267 -4.33 -14.32 7.31
C PRO B 267 -4.73 -13.87 8.73
N PHE B 268 -3.90 -14.25 9.70
CA PHE B 268 -4.14 -13.99 11.12
C PHE B 268 -2.93 -13.30 11.77
N THR B 269 -2.26 -12.43 11.02
CA THR B 269 -1.07 -11.72 11.54
C THR B 269 -1.40 -10.83 12.74
N ASP B 270 -2.66 -10.37 12.82
CA ASP B 270 -3.17 -9.50 13.90
C ASP B 270 -3.28 -10.21 15.27
N LEU B 271 -3.16 -11.54 15.27
CA LEU B 271 -3.19 -12.33 16.51
C LEU B 271 -1.90 -12.27 17.33
N ILE B 272 -0.83 -11.72 16.75
CA ILE B 272 0.35 -11.22 17.52
C ILE B 272 0.49 -9.68 17.37
N PHE C 6 -35.07 6.00 -4.51
CA PHE C 6 -33.76 6.04 -3.75
C PHE C 6 -33.57 7.39 -3.07
N GLU C 7 -33.86 8.47 -3.80
CA GLU C 7 -33.92 9.82 -3.27
C GLU C 7 -34.90 9.97 -2.09
N ASP C 8 -35.72 8.94 -1.85
CA ASP C 8 -36.71 8.92 -0.78
C ASP C 8 -36.25 8.14 0.44
N ILE C 9 -35.28 7.23 0.26
CA ILE C 9 -34.76 6.36 1.33
C ILE C 9 -34.33 7.14 2.53
N ASP C 10 -34.70 6.61 3.69
CA ASP C 10 -34.57 7.25 5.00
C ASP C 10 -33.17 7.37 5.52
N THR C 11 -32.50 6.22 5.70
CA THR C 11 -31.20 6.15 6.36
C THR C 11 -30.15 5.56 5.47
N PHE C 12 -28.89 5.79 5.82
CA PHE C 12 -27.76 5.19 5.16
C PHE C 12 -27.81 3.64 5.18
N GLU C 13 -28.10 3.09 6.36
CA GLU C 13 -28.21 1.62 6.54
C GLU C 13 -29.22 0.98 5.54
N GLU C 14 -30.35 1.65 5.32
CA GLU C 14 -31.36 1.16 4.40
C GLU C 14 -30.93 1.31 2.95
N ALA C 15 -30.35 2.47 2.61
CA ALA C 15 -29.72 2.71 1.31
C ALA C 15 -28.63 1.68 0.98
N PHE C 16 -27.72 1.44 1.92
CA PHE C 16 -26.69 0.49 1.65
C PHE C 16 -27.29 -0.91 1.31
N ASN C 17 -28.32 -1.35 2.07
CA ASN C 17 -28.91 -2.70 1.85
C ASN C 17 -29.66 -2.75 0.52
N LYS C 18 -30.37 -1.68 0.17
CA LYS C 18 -30.97 -1.56 -1.17
C LYS C 18 -29.97 -1.58 -2.30
N LEU C 19 -28.90 -0.80 -2.13
CA LEU C 19 -27.83 -0.79 -3.10
C LEU C 19 -27.22 -2.18 -3.28
N LEU C 20 -26.79 -2.77 -2.17
CA LEU C 20 -26.11 -4.05 -2.25
C LEU C 20 -27.02 -5.13 -2.87
N ARG C 21 -28.21 -5.27 -2.32
CA ARG C 21 -29.06 -6.42 -2.68
C ARG C 21 -29.86 -6.16 -3.93
N GLU C 22 -30.32 -4.93 -4.13
CA GLU C 22 -31.33 -4.72 -5.16
C GLU C 22 -30.77 -4.10 -6.44
N VAL C 23 -29.91 -3.10 -6.27
CA VAL C 23 -29.34 -2.39 -7.40
C VAL C 23 -28.17 -3.17 -7.94
N LEU C 24 -27.33 -3.67 -7.03
CA LEU C 24 -26.16 -4.41 -7.48
C LEU C 24 -26.38 -5.92 -7.61
N GLU C 25 -27.50 -6.41 -7.06
CA GLU C 25 -27.87 -7.85 -7.06
C GLU C 25 -26.80 -8.72 -6.43
N PHE C 26 -26.27 -8.26 -5.30
CA PHE C 26 -25.11 -8.95 -4.74
C PHE C 26 -25.54 -9.90 -3.65
N ASP C 27 -24.98 -11.12 -3.70
CA ASP C 27 -25.13 -12.05 -2.58
C ASP C 27 -24.11 -13.16 -2.74
N LEU C 28 -23.79 -13.79 -1.62
CA LEU C 28 -22.74 -14.80 -1.61
C LEU C 28 -23.29 -16.20 -1.37
N GLN C 29 -24.58 -16.37 -1.63
CA GLN C 29 -25.21 -17.69 -1.58
C GLN C 29 -24.41 -18.72 -2.38
N ASN C 30 -24.19 -18.46 -3.68
CA ASN C 30 -23.44 -19.42 -4.49
C ASN C 30 -22.68 -18.74 -5.64
N PRO C 31 -21.58 -18.03 -5.30
CA PRO C 31 -20.90 -17.15 -6.27
C PRO C 31 -20.36 -17.88 -7.50
N PHE C 32 -20.01 -19.16 -7.39
CA PHE C 32 -19.37 -19.86 -8.53
C PHE C 32 -20.35 -20.62 -9.42
N LYS C 33 -21.61 -20.16 -9.42
CA LYS C 33 -22.79 -20.97 -9.75
C LYS C 33 -22.83 -21.49 -11.17
N ASP C 34 -22.72 -20.56 -12.12
CA ASP C 34 -22.93 -20.88 -13.54
C ASP C 34 -21.60 -21.01 -14.33
N ALA C 35 -20.48 -20.97 -13.62
CA ALA C 35 -19.15 -20.88 -14.19
C ALA C 35 -18.81 -22.10 -15.02
N LYS C 36 -18.44 -21.89 -16.28
CA LYS C 36 -18.01 -23.02 -17.09
C LYS C 36 -16.52 -23.02 -17.20
N LYS C 37 -15.92 -21.83 -17.02
CA LYS C 37 -14.49 -21.65 -17.20
C LYS C 37 -14.00 -20.58 -16.25
N VAL C 38 -12.87 -20.85 -15.58
CA VAL C 38 -12.22 -19.85 -14.69
C VAL C 38 -10.71 -19.79 -14.85
N LEU C 39 -10.11 -18.62 -14.61
CA LEU C 39 -8.66 -18.54 -14.56
C LEU C 39 -8.23 -18.54 -13.11
N CYS C 40 -7.19 -19.30 -12.80
CA CYS C 40 -6.55 -19.19 -11.46
C CYS C 40 -5.17 -18.52 -11.63
N ILE C 41 -5.04 -17.27 -11.14
CA ILE C 41 -3.82 -16.53 -11.37
C ILE C 41 -2.91 -16.66 -10.14
N GLU C 42 -1.70 -17.16 -10.35
CA GLU C 42 -0.81 -17.42 -9.24
C GLU C 42 0.50 -16.72 -9.52
N PRO C 43 1.14 -16.15 -8.48
CA PRO C 43 2.43 -15.53 -8.66
C PRO C 43 3.61 -16.48 -8.94
N HIS C 44 3.57 -17.65 -8.29
CA HIS C 44 4.65 -18.61 -8.38
C HIS C 44 4.05 -20.01 -8.49
N PRO C 45 4.81 -20.90 -9.08
CA PRO C 45 4.28 -22.30 -9.21
C PRO C 45 4.12 -22.85 -7.83
N ASP C 46 2.90 -23.21 -7.47
CA ASP C 46 2.42 -23.70 -6.18
C ASP C 46 1.46 -22.81 -5.46
N ASP C 47 1.22 -21.59 -5.95
CA ASP C 47 0.35 -20.71 -5.18
C ASP C 47 -1.10 -21.07 -5.31
N CYS C 48 -1.50 -21.51 -6.53
CA CYS C 48 -2.84 -21.97 -6.73
C CYS C 48 -3.21 -23.08 -5.80
N VAL C 49 -2.36 -24.11 -5.71
CA VAL C 49 -2.70 -25.27 -4.87
C VAL C 49 -2.68 -24.90 -3.35
N ILE C 50 -1.70 -24.12 -2.98
CA ILE C 50 -1.58 -23.67 -1.58
C ILE C 50 -2.78 -22.79 -1.15
N GLY C 51 -3.15 -21.80 -1.97
CA GLY C 51 -4.22 -20.86 -1.56
C GLY C 51 -5.57 -21.47 -1.83
N MET C 52 -5.71 -22.22 -2.89
CA MET C 52 -7.06 -22.66 -3.21
C MET C 52 -7.18 -24.08 -3.85
N GLY C 53 -6.23 -24.98 -3.60
CA GLY C 53 -6.26 -26.33 -4.20
C GLY C 53 -7.54 -27.15 -4.08
N GLY C 54 -8.13 -27.12 -2.89
CA GLY C 54 -9.43 -27.75 -2.58
C GLY C 54 -10.55 -27.22 -3.48
N THR C 55 -10.62 -25.88 -3.57
CA THR C 55 -11.63 -25.28 -4.41
C THR C 55 -11.41 -25.65 -5.88
N ILE C 56 -10.16 -25.67 -6.30
CA ILE C 56 -9.85 -26.09 -7.67
C ILE C 56 -10.44 -27.50 -7.93
N LYS C 57 -10.11 -28.45 -7.07
CA LYS C 57 -10.65 -29.82 -7.21
C LYS C 57 -12.21 -29.78 -7.24
N LYS C 58 -12.86 -28.97 -6.40
CA LYS C 58 -14.29 -28.95 -6.38
C LYS C 58 -14.84 -28.40 -7.70
N LEU C 59 -14.17 -27.39 -8.26
CA LEU C 59 -14.62 -26.82 -9.56
C LEU C 59 -14.45 -27.84 -10.68
N SER C 60 -13.31 -28.52 -10.67
CA SER C 60 -13.04 -29.61 -11.62
C SER C 60 -14.15 -30.65 -11.52
N ASP C 61 -14.42 -31.12 -10.30
CA ASP C 61 -15.52 -32.06 -9.96
C ASP C 61 -16.91 -31.64 -10.47
N MET C 62 -17.21 -30.32 -10.41
CA MET C 62 -18.42 -29.78 -10.99
C MET C 62 -18.36 -29.61 -12.54
N GLY C 63 -17.28 -30.02 -13.20
CA GLY C 63 -17.12 -29.82 -14.69
C GLY C 63 -16.79 -28.40 -15.16
N VAL C 64 -16.25 -27.59 -14.28
CA VAL C 64 -15.65 -26.28 -14.66
C VAL C 64 -14.23 -26.50 -15.21
N GLU C 65 -13.90 -25.91 -16.36
CA GLU C 65 -12.54 -25.89 -16.84
C GLU C 65 -11.78 -24.88 -15.99
N VAL C 66 -10.81 -25.39 -15.25
CA VAL C 66 -9.95 -24.52 -14.48
C VAL C 66 -8.64 -24.38 -15.29
N ILE C 67 -8.26 -23.13 -15.59
CA ILE C 67 -7.03 -22.82 -16.31
C ILE C 67 -6.09 -21.98 -15.40
N TYR C 68 -4.83 -22.40 -15.23
CA TYR C 68 -3.79 -21.59 -14.51
C TYR C 68 -3.15 -20.50 -15.38
N VAL C 69 -2.80 -19.37 -14.75
CA VAL C 69 -1.85 -18.38 -15.28
C VAL C 69 -0.76 -18.21 -14.22
N CYS C 70 0.47 -18.55 -14.54
CA CYS C 70 1.54 -18.53 -13.55
C CYS C 70 2.40 -17.37 -13.94
N MET C 71 2.35 -16.31 -13.13
CA MET C 71 3.08 -15.08 -13.43
C MET C 71 4.58 -15.27 -13.58
N THR C 72 5.18 -16.04 -12.67
CA THR C 72 6.63 -16.20 -12.72
C THR C 72 7.05 -17.67 -12.85
N ASP C 73 8.32 -17.86 -13.11
CA ASP C 73 8.91 -19.16 -13.30
C ASP C 73 9.43 -19.85 -12.03
N GLY C 74 9.39 -19.18 -10.88
CA GLY C 74 9.95 -19.79 -9.63
C GLY C 74 11.46 -19.96 -9.49
N TYR C 75 12.18 -19.28 -10.35
CA TYR C 75 13.61 -19.33 -10.47
C TYR C 75 14.43 -19.23 -9.17
N MET C 76 13.94 -18.48 -8.19
CA MET C 76 14.79 -18.15 -7.02
C MET C 76 14.62 -19.08 -5.84
N GLY C 77 13.55 -19.90 -5.83
CA GLY C 77 13.05 -20.58 -4.61
C GLY C 77 13.89 -21.82 -4.29
N THR C 78 15.16 -21.64 -3.98
CA THR C 78 16.00 -22.76 -3.43
C THR C 78 17.21 -22.25 -2.67
N THR C 79 17.68 -23.00 -1.67
CA THR C 79 18.96 -22.66 -0.99
C THR C 79 20.11 -23.62 -1.36
N ASP C 80 19.79 -24.55 -2.24
CA ASP C 80 20.75 -25.48 -2.77
C ASP C 80 21.68 -24.75 -3.71
N GLU C 81 22.95 -24.64 -3.32
CA GLU C 81 23.91 -23.87 -4.10
C GLU C 81 24.33 -24.47 -5.43
N SER C 82 24.11 -25.76 -5.63
CA SER C 82 24.43 -26.37 -6.91
C SER C 82 23.22 -26.42 -7.85
N LEU C 83 22.06 -25.90 -7.46
CA LEU C 83 20.92 -25.90 -8.41
C LEU C 83 20.70 -24.51 -9.00
N SER C 84 20.93 -24.34 -10.30
CA SER C 84 20.77 -23.00 -10.91
C SER C 84 19.28 -22.60 -10.95
N GLY C 85 18.97 -21.34 -11.20
CA GLY C 85 17.59 -20.97 -11.36
C GLY C 85 17.01 -21.49 -12.67
N HIS C 86 17.84 -21.60 -13.68
CA HIS C 86 17.37 -22.20 -14.94
C HIS C 86 16.87 -23.57 -14.69
N GLU C 87 17.69 -24.38 -14.01
CA GLU C 87 17.41 -25.78 -13.73
C GLU C 87 16.20 -25.87 -12.82
N LEU C 88 16.07 -24.93 -11.88
CA LEU C 88 14.95 -24.92 -10.95
C LEU C 88 13.63 -24.59 -11.62
N ALA C 89 13.63 -23.52 -12.39
CA ALA C 89 12.48 -23.28 -13.23
C ALA C 89 12.06 -24.55 -14.00
N ALA C 90 13.00 -25.22 -14.68
CA ALA C 90 12.63 -26.46 -15.44
C ALA C 90 11.94 -27.48 -14.52
N ILE C 91 12.50 -27.68 -13.33
CA ILE C 91 11.91 -28.48 -12.28
C ILE C 91 10.50 -28.12 -11.82
N ARG C 92 10.31 -26.84 -11.49
CA ARG C 92 9.07 -26.38 -10.97
C ARG C 92 7.94 -26.43 -11.98
N ARG C 93 8.27 -26.39 -13.27
CA ARG C 93 7.23 -26.52 -14.28
C ARG C 93 6.67 -27.97 -14.28
N LYS C 94 7.59 -28.93 -14.16
CA LYS C 94 7.30 -30.38 -14.01
C LYS C 94 6.44 -30.58 -12.80
N GLU C 95 6.86 -29.96 -11.70
CA GLU C 95 6.16 -30.08 -10.47
C GLU C 95 4.76 -29.50 -10.58
N GLU C 96 4.60 -28.31 -11.17
CA GLU C 96 3.27 -27.76 -11.32
C GLU C 96 2.33 -28.62 -12.22
N GLU C 97 2.83 -29.05 -13.36
CA GLU C 97 2.08 -29.91 -14.29
C GLU C 97 1.48 -31.16 -13.59
N GLU C 98 2.24 -31.77 -12.68
CA GLU C 98 1.75 -32.95 -11.99
C GLU C 98 0.83 -32.60 -10.83
N SER C 99 1.12 -31.48 -10.15
CA SER C 99 0.28 -30.96 -9.08
C SER C 99 -1.10 -30.62 -9.66
N ALA C 100 -1.10 -29.99 -10.83
CA ALA C 100 -2.34 -29.51 -11.46
C ALA C 100 -3.18 -30.74 -11.88
N ARG C 101 -2.49 -31.77 -12.34
CA ARG C 101 -3.12 -33.01 -12.85
C ARG C 101 -4.01 -33.59 -11.79
N LEU C 102 -3.46 -33.75 -10.56
CA LEU C 102 -4.23 -34.11 -9.36
C LEU C 102 -5.53 -33.32 -9.12
N LEU C 103 -5.57 -32.06 -9.55
CA LEU C 103 -6.74 -31.22 -9.25
C LEU C 103 -7.64 -31.04 -10.47
N GLY C 104 -7.31 -31.79 -11.54
CA GLY C 104 -8.11 -31.90 -12.77
C GLY C 104 -7.94 -30.70 -13.69
N VAL C 105 -6.83 -29.98 -13.50
CA VAL C 105 -6.56 -28.73 -14.19
C VAL C 105 -6.21 -28.84 -15.70
N LYS C 106 -6.96 -28.13 -16.53
CA LYS C 106 -6.83 -28.25 -17.98
C LYS C 106 -5.41 -28.00 -18.55
N LYS C 107 -4.84 -26.85 -18.21
CA LYS C 107 -3.98 -26.10 -19.09
C LYS C 107 -3.33 -25.01 -18.22
N ILE C 108 -2.08 -24.68 -18.49
CA ILE C 108 -1.36 -23.61 -17.76
C ILE C 108 -0.71 -22.65 -18.76
N TYR C 109 -1.05 -21.36 -18.66
CA TYR C 109 -0.26 -20.28 -19.26
C TYR C 109 0.90 -19.87 -18.34
N TRP C 110 2.12 -19.96 -18.86
CA TRP C 110 3.34 -19.53 -18.19
C TRP C 110 3.72 -18.19 -18.79
N LEU C 111 3.68 -17.16 -17.96
CA LEU C 111 4.13 -15.83 -18.42
C LEU C 111 5.63 -15.72 -18.44
N ASN C 112 6.33 -16.46 -17.56
CA ASN C 112 7.76 -16.56 -17.66
C ASN C 112 8.50 -15.26 -17.16
N TYR C 113 7.85 -14.38 -16.41
CA TYR C 113 8.63 -13.40 -15.62
C TYR C 113 9.48 -14.12 -14.57
N ARG C 114 10.70 -13.69 -14.37
CA ARG C 114 11.58 -14.21 -13.35
C ARG C 114 11.03 -13.92 -11.91
N ASP C 115 10.84 -14.99 -11.14
CA ASP C 115 10.68 -14.95 -9.70
C ASP C 115 11.50 -13.75 -9.10
N THR C 116 10.84 -12.94 -8.32
CA THR C 116 11.39 -11.75 -7.60
C THR C 116 11.47 -10.53 -8.49
N GLU C 117 11.07 -10.70 -9.74
CA GLU C 117 11.22 -9.62 -10.73
C GLU C 117 9.98 -9.42 -11.53
N LEU C 118 8.82 -9.78 -10.99
CA LEU C 118 7.55 -9.51 -11.68
C LEU C 118 7.35 -7.98 -11.75
N PRO C 119 7.32 -7.40 -12.98
CA PRO C 119 7.09 -5.94 -13.15
C PRO C 119 5.70 -5.55 -12.73
N TYR C 120 5.50 -4.25 -12.46
CA TYR C 120 4.18 -3.78 -12.20
C TYR C 120 4.07 -2.75 -13.26
N SER C 121 3.47 -3.10 -14.39
CA SER C 121 3.58 -2.29 -15.60
C SER C 121 2.41 -2.61 -16.57
N ARG C 122 2.30 -1.70 -17.54
CA ARG C 122 1.26 -1.80 -18.55
C ARG C 122 1.46 -3.09 -19.33
N GLU C 123 2.72 -3.37 -19.65
CA GLU C 123 3.12 -4.63 -20.31
C GLU C 123 2.55 -5.89 -19.67
N VAL C 124 2.70 -6.05 -18.36
CA VAL C 124 2.11 -7.24 -17.74
C VAL C 124 0.56 -7.22 -17.73
N ARG C 125 -0.05 -6.06 -17.56
CA ARG C 125 -1.49 -6.04 -17.74
C ARG C 125 -1.87 -6.50 -19.20
N LYS C 126 -1.07 -6.21 -20.20
CA LYS C 126 -1.43 -6.55 -21.62
C LYS C 126 -1.35 -8.06 -21.86
N ASP C 127 -0.34 -8.69 -21.25
CA ASP C 127 -0.24 -10.16 -21.18
C ASP C 127 -1.47 -10.81 -20.58
N LEU C 128 -1.91 -10.35 -19.39
CA LEU C 128 -3.14 -10.86 -18.75
C LEU C 128 -4.39 -10.59 -19.64
N THR C 129 -4.46 -9.39 -20.20
CA THR C 129 -5.55 -9.01 -21.09
C THR C 129 -5.64 -9.91 -22.36
N LYS C 130 -4.49 -10.25 -22.93
CA LYS C 130 -4.44 -11.15 -24.08
C LYS C 130 -5.12 -12.46 -23.72
N ILE C 131 -4.77 -13.01 -22.56
CA ILE C 131 -5.38 -14.27 -22.12
C ILE C 131 -6.88 -14.14 -21.78
N LEU C 132 -7.27 -13.10 -21.06
CA LEU C 132 -8.66 -12.89 -20.70
C LEU C 132 -9.52 -12.72 -21.96
N ARG C 133 -8.98 -12.05 -22.95
CA ARG C 133 -9.72 -11.83 -24.24
C ARG C 133 -9.79 -13.14 -25.07
N LYS C 134 -8.79 -13.99 -24.94
CA LYS C 134 -8.82 -15.27 -25.70
C LYS C 134 -9.74 -16.25 -25.03
N GLU C 135 -9.51 -16.49 -23.72
CA GLU C 135 -10.23 -17.49 -22.93
C GLU C 135 -11.65 -17.11 -22.55
N GLN C 136 -11.92 -15.80 -22.52
CA GLN C 136 -13.20 -15.28 -22.04
C GLN C 136 -13.80 -16.00 -20.77
N PRO C 137 -13.03 -16.10 -19.66
CA PRO C 137 -13.49 -16.89 -18.50
C PRO C 137 -14.68 -16.29 -17.77
N ASP C 138 -15.44 -17.13 -17.06
CA ASP C 138 -16.57 -16.57 -16.28
C ASP C 138 -16.15 -16.08 -14.92
N GLY C 139 -14.90 -16.36 -14.52
CA GLY C 139 -14.39 -15.98 -13.18
C GLY C 139 -12.84 -16.00 -13.14
N VAL C 140 -12.25 -15.22 -12.23
CA VAL C 140 -10.80 -15.12 -12.17
C VAL C 140 -10.49 -15.13 -10.67
N PHE C 141 -9.58 -16.00 -10.27
CA PHE C 141 -9.07 -16.05 -8.89
C PHE C 141 -7.66 -15.46 -8.84
N ALA C 142 -7.31 -14.77 -7.75
CA ALA C 142 -6.00 -14.17 -7.67
C ALA C 142 -5.72 -13.74 -6.22
N PRO C 143 -4.42 -13.52 -5.84
CA PRO C 143 -4.18 -13.16 -4.41
C PRO C 143 -4.74 -11.80 -4.06
N ASP C 144 -5.19 -11.65 -2.81
CA ASP C 144 -5.59 -10.39 -2.28
C ASP C 144 -4.31 -9.55 -2.04
N PRO C 145 -4.16 -8.46 -2.81
CA PRO C 145 -2.94 -7.74 -2.66
C PRO C 145 -2.93 -6.83 -1.41
N TRP C 146 -4.02 -6.84 -0.65
CA TRP C 146 -4.14 -6.05 0.60
C TRP C 146 -3.90 -6.88 1.86
N LEU C 147 -3.46 -8.10 1.66
CA LEU C 147 -3.08 -8.95 2.78
C LEU C 147 -2.08 -8.26 3.68
N PRO C 148 -2.45 -8.07 4.95
CA PRO C 148 -1.49 -7.42 5.87
C PRO C 148 -0.16 -8.16 5.95
N TYR C 149 0.93 -7.38 6.01
CA TYR C 149 2.30 -7.87 6.08
C TYR C 149 2.76 -8.74 4.93
N GLU C 150 1.99 -8.84 3.85
CA GLU C 150 2.46 -9.58 2.69
C GLU C 150 3.73 -8.89 2.14
N SER C 151 4.88 -9.55 2.23
CA SER C 151 6.09 -8.88 1.87
C SER C 151 6.78 -9.35 0.59
N HIS C 152 6.12 -10.18 -0.20
CA HIS C 152 6.65 -10.63 -1.46
C HIS C 152 5.99 -9.74 -2.55
N PRO C 153 6.82 -8.97 -3.25
CA PRO C 153 6.37 -8.05 -4.31
C PRO C 153 5.70 -8.81 -5.44
N ASP C 154 6.13 -10.04 -5.71
CA ASP C 154 5.43 -10.83 -6.76
C ASP C 154 3.99 -11.10 -6.35
N HIS C 155 3.73 -11.27 -5.04
CA HIS C 155 2.37 -11.52 -4.63
C HIS C 155 1.48 -10.29 -4.69
N ARG C 156 1.95 -9.19 -4.14
CA ARG C 156 1.15 -7.96 -4.21
C ARG C 156 0.94 -7.54 -5.66
N ARG C 157 1.97 -7.60 -6.46
CA ARG C 157 1.82 -7.13 -7.83
C ARG C 157 0.88 -7.98 -8.66
N THR C 158 1.01 -9.31 -8.52
CA THR C 158 0.00 -10.20 -9.16
C THR C 158 -1.44 -9.86 -8.90
N GLY C 159 -1.77 -9.59 -7.63
CA GLY C 159 -3.09 -9.26 -7.21
C GLY C 159 -3.61 -7.94 -7.71
N PHE C 160 -2.77 -6.88 -7.62
CA PHE C 160 -3.24 -5.63 -8.21
C PHE C 160 -3.36 -5.76 -9.76
N LEU C 161 -2.39 -6.40 -10.40
CA LEU C 161 -2.43 -6.59 -11.89
C LEU C 161 -3.60 -7.43 -12.36
N ALA C 162 -3.94 -8.46 -11.61
CA ALA C 162 -5.15 -9.25 -11.89
C ALA C 162 -6.40 -8.40 -11.87
N ILE C 163 -6.61 -7.66 -10.78
CA ILE C 163 -7.81 -6.84 -10.58
C ILE C 163 -7.88 -5.77 -11.69
N GLU C 164 -6.78 -5.09 -11.96
CA GLU C 164 -6.80 -4.01 -13.02
C GLU C 164 -7.07 -4.59 -14.42
N SER C 165 -6.48 -5.73 -14.68
CA SER C 165 -6.63 -6.38 -15.96
C SER C 165 -8.04 -6.82 -16.25
N VAL C 166 -8.72 -7.34 -15.23
CA VAL C 166 -10.08 -7.80 -15.41
C VAL C 166 -10.95 -6.60 -15.78
N ALA C 167 -10.59 -5.41 -15.29
CA ALA C 167 -11.35 -4.23 -15.69
C ALA C 167 -10.88 -3.71 -17.02
N PHE C 168 -9.57 -3.43 -17.19
CA PHE C 168 -9.09 -2.76 -18.38
C PHE C 168 -9.26 -3.62 -19.64
N SER C 169 -9.19 -4.95 -19.51
CA SER C 169 -9.40 -5.86 -20.67
C SER C 169 -10.82 -5.73 -21.32
N GLN C 170 -11.77 -5.13 -20.62
CA GLN C 170 -13.12 -4.77 -21.13
C GLN C 170 -13.21 -3.47 -22.00
N LEU C 171 -12.16 -2.67 -21.99
CA LEU C 171 -12.04 -1.43 -22.74
C LEU C 171 -11.40 -1.61 -24.12
N PRO C 172 -12.17 -1.31 -25.16
CA PRO C 172 -11.54 -1.58 -26.46
C PRO C 172 -10.31 -0.74 -26.82
N ASN C 173 -10.16 0.47 -26.30
CA ASN C 173 -8.99 1.25 -26.58
C ASN C 173 -7.74 0.79 -25.73
N PHE C 174 -7.97 -0.16 -24.83
CA PHE C 174 -6.88 -0.71 -24.03
C PHE C 174 -6.29 -1.91 -24.78
N SER C 175 -4.98 -1.88 -24.95
CA SER C 175 -4.27 -2.90 -25.71
C SER C 175 -4.98 -3.21 -27.05
N ASN C 176 -5.29 -2.15 -27.81
CA ASN C 176 -6.20 -2.24 -28.98
C ASN C 176 -5.75 -3.19 -30.14
N THR C 177 -4.49 -3.58 -30.15
CA THR C 177 -3.90 -4.41 -31.19
C THR C 177 -4.50 -5.82 -31.01
N ASP C 178 -4.74 -6.24 -29.75
CA ASP C 178 -5.60 -7.45 -29.46
C ASP C 178 -6.86 -7.52 -30.32
N LEU C 179 -7.62 -6.40 -30.39
CA LEU C 179 -8.82 -6.33 -31.20
C LEU C 179 -8.53 -6.33 -32.69
N ASP C 180 -7.48 -5.60 -33.12
CA ASP C 180 -7.02 -5.58 -34.48
C ASP C 180 -6.58 -6.94 -35.00
N ILE C 181 -6.18 -7.86 -34.11
CA ILE C 181 -5.90 -9.25 -34.53
C ILE C 181 -7.05 -10.26 -34.32
N GLY C 182 -8.26 -9.74 -34.12
CA GLY C 182 -9.46 -10.60 -33.96
C GLY C 182 -9.94 -11.08 -32.57
N LEU C 183 -9.36 -10.57 -31.49
CA LEU C 183 -9.84 -10.92 -30.16
C LEU C 183 -10.87 -9.87 -29.78
N ASN C 184 -11.88 -10.27 -29.03
CA ASN C 184 -12.86 -9.31 -28.56
C ASN C 184 -12.49 -8.80 -27.15
N PRO C 185 -13.10 -7.69 -26.73
CA PRO C 185 -12.95 -7.25 -25.35
C PRO C 185 -13.42 -8.34 -24.41
N TYR C 186 -12.84 -8.42 -23.22
CA TYR C 186 -13.36 -9.28 -22.16
C TYR C 186 -14.80 -8.97 -21.77
N ASN C 187 -15.65 -9.97 -21.65
N ASN C 187 -15.65 -10.00 -21.77
CA ASN C 187 -16.78 -9.92 -20.68
CA ASN C 187 -17.05 -9.86 -21.35
C ASN C 187 -16.99 -11.32 -20.15
C ASN C 187 -17.24 -9.37 -19.91
N SER C 188 -18.05 -11.99 -20.56
N SER C 188 -18.27 -8.54 -19.72
CA SER C 188 -18.31 -13.25 -19.89
CA SER C 188 -18.76 -8.10 -18.40
C SER C 188 -18.22 -13.01 -18.37
C SER C 188 -19.50 -9.19 -17.67
N GLY C 189 -17.02 -12.67 -17.90
N GLY C 189 -19.88 -8.93 -16.43
CA GLY C 189 -16.74 -12.58 -16.46
CA GLY C 189 -20.49 -9.98 -15.64
C GLY C 189 -17.90 -12.32 -15.50
C GLY C 189 -19.21 -10.71 -15.36
N SER C 190 -18.40 -13.37 -14.84
N SER C 190 -19.21 -11.92 -14.86
CA SER C 190 -19.29 -13.07 -13.72
CA SER C 190 -17.89 -12.46 -14.56
C SER C 190 -18.46 -12.44 -12.57
C SER C 190 -17.48 -11.97 -13.21
N PHE C 191 -17.20 -12.89 -12.33
CA PHE C 191 -16.57 -12.54 -11.05
C PHE C 191 -15.03 -12.51 -10.85
N ILE C 192 -14.62 -11.81 -9.78
CA ILE C 192 -13.26 -11.85 -9.24
C ILE C 192 -13.33 -12.43 -7.83
N ALA C 193 -12.48 -13.39 -7.49
CA ALA C 193 -12.40 -13.79 -6.08
C ALA C 193 -10.99 -13.82 -5.61
N LEU C 194 -10.71 -13.34 -4.37
CA LEU C 194 -9.36 -13.15 -4.01
C LEU C 194 -9.05 -14.14 -2.90
N TYR C 195 -7.97 -14.90 -3.07
CA TYR C 195 -7.52 -15.87 -2.07
C TYR C 195 -6.30 -15.29 -1.31
N TYR C 196 -5.74 -16.07 -0.38
CA TYR C 196 -4.66 -15.58 0.49
C TYR C 196 -5.18 -14.26 1.11
N THR C 197 -6.32 -14.33 1.82
CA THR C 197 -6.99 -13.14 2.30
C THR C 197 -7.29 -13.23 3.79
N HIS C 198 -7.06 -12.10 4.48
CA HIS C 198 -7.37 -11.87 5.91
C HIS C 198 -8.80 -11.43 6.14
N LYS C 199 -9.48 -10.94 5.12
CA LYS C 199 -10.85 -10.55 5.28
C LYS C 199 -11.79 -11.38 4.33
N PRO C 200 -11.81 -12.74 4.51
CA PRO C 200 -12.70 -13.53 3.55
C PRO C 200 -14.18 -13.32 3.84
N ASN C 201 -15.02 -13.26 2.79
CA ASN C 201 -16.46 -13.23 3.01
C ASN C 201 -17.19 -14.42 2.37
N TYR C 202 -16.42 -15.35 1.80
CA TYR C 202 -16.98 -16.58 1.28
C TYR C 202 -15.99 -17.71 1.57
N ILE C 203 -16.47 -18.76 2.24
CA ILE C 203 -15.58 -19.85 2.69
C ILE C 203 -16.03 -21.14 1.95
N VAL C 204 -15.08 -21.90 1.43
CA VAL C 204 -15.35 -23.18 0.80
C VAL C 204 -14.86 -24.26 1.75
N ASP C 205 -15.72 -25.22 2.08
CA ASP C 205 -15.30 -26.30 2.97
C ASP C 205 -14.45 -27.30 2.19
N ILE C 206 -13.23 -27.53 2.67
CA ILE C 206 -12.30 -28.45 2.00
C ILE C 206 -11.93 -29.63 2.90
N THR C 207 -12.71 -29.79 3.99
CA THR C 207 -12.56 -30.86 4.99
C THR C 207 -12.13 -32.20 4.44
N ASP C 208 -12.86 -32.84 3.53
CA ASP C 208 -12.34 -34.16 3.10
C ASP C 208 -11.45 -34.11 1.85
N LEU C 209 -11.07 -32.88 1.48
CA LEU C 209 -10.09 -32.64 0.43
C LEU C 209 -8.70 -32.31 0.98
N MET C 210 -8.63 -32.02 2.27
CA MET C 210 -7.35 -31.62 2.90
C MET C 210 -6.17 -32.54 2.55
N GLU C 211 -6.42 -33.85 2.55
CA GLU C 211 -5.34 -34.80 2.38
C GLU C 211 -4.89 -34.78 0.92
N LEU C 212 -5.85 -34.65 0.00
CA LEU C 212 -5.48 -34.41 -1.37
C LEU C 212 -4.76 -33.02 -1.52
N LYS C 213 -5.30 -31.97 -0.90
CA LYS C 213 -4.64 -30.65 -1.02
C LYS C 213 -3.15 -30.76 -0.62
N LEU C 214 -2.89 -31.26 0.59
CA LEU C 214 -1.53 -31.43 1.09
C LEU C 214 -0.62 -32.29 0.19
N LYS C 215 -1.20 -33.32 -0.43
CA LYS C 215 -0.43 -34.17 -1.35
C LYS C 215 -0.04 -33.37 -2.60
N ALA C 216 -1.00 -32.57 -3.10
CA ALA C 216 -0.76 -31.79 -4.32
C ALA C 216 0.27 -30.65 -4.05
N ILE C 217 0.33 -30.18 -2.81
CA ILE C 217 1.39 -29.24 -2.39
C ILE C 217 2.76 -29.92 -2.35
N ARG C 218 2.85 -31.16 -1.83
CA ARG C 218 4.14 -31.86 -1.66
C ARG C 218 4.71 -32.34 -2.95
N VAL C 219 3.86 -32.48 -3.95
CA VAL C 219 4.35 -32.75 -5.31
C VAL C 219 5.40 -31.66 -5.76
N HIS C 220 5.31 -30.43 -5.22
CA HIS C 220 6.39 -29.39 -5.37
C HIS C 220 7.54 -29.67 -4.40
N ARG C 221 8.26 -30.79 -4.62
CA ARG C 221 9.33 -31.29 -3.73
C ARG C 221 10.47 -30.30 -3.56
N SER C 222 10.87 -29.68 -4.66
CA SER C 222 11.94 -28.70 -4.67
C SER C 222 11.68 -27.58 -3.67
N GLN C 223 10.41 -27.39 -3.29
CA GLN C 223 9.94 -26.37 -2.33
C GLN C 223 9.68 -26.91 -0.95
N PHE C 224 9.39 -28.20 -0.86
CA PHE C 224 8.88 -28.76 0.39
C PHE C 224 9.62 -30.03 0.79
N PRO C 225 10.94 -29.92 1.09
CA PRO C 225 11.67 -31.12 1.59
C PRO C 225 11.19 -31.42 3.01
N ASP C 226 11.76 -32.46 3.63
CA ASP C 226 11.26 -32.88 4.95
C ASP C 226 11.37 -31.78 6.00
N ASP C 227 12.49 -31.08 6.05
CA ASP C 227 12.71 -30.10 7.11
C ASP C 227 11.83 -28.85 6.99
N ILE C 228 11.51 -28.49 5.76
CA ILE C 228 10.60 -27.38 5.50
C ILE C 228 9.18 -27.85 5.82
N TRP C 229 8.87 -29.10 5.47
CA TRP C 229 7.52 -29.63 5.70
C TRP C 229 7.18 -29.70 7.19
N GLU C 230 8.20 -30.01 8.01
CA GLU C 230 8.04 -29.99 9.47
C GLU C 230 7.33 -28.70 9.91
N LYS C 231 7.72 -27.55 9.39
CA LYS C 231 7.04 -26.30 9.73
C LYS C 231 5.78 -25.98 8.92
N TRP C 232 5.82 -26.32 7.63
CA TRP C 232 4.79 -25.93 6.67
C TRP C 232 3.49 -26.73 6.74
N GLU C 233 3.57 -28.03 7.01
CA GLU C 233 2.36 -28.80 7.23
C GLU C 233 1.52 -28.27 8.40
N PRO C 234 2.12 -28.03 9.58
CA PRO C 234 1.30 -27.41 10.61
C PRO C 234 0.75 -26.03 10.24
N PHE C 235 1.55 -25.24 9.50
CA PHE C 235 1.19 -23.88 9.13
C PHE C 235 0.00 -23.92 8.18
N LEU C 236 0.09 -24.79 7.17
CA LEU C 236 -0.97 -24.94 6.18
C LEU C 236 -2.22 -25.48 6.86
N ARG C 237 -2.04 -26.39 7.83
CA ARG C 237 -3.24 -26.85 8.57
C ARG C 237 -3.84 -25.71 9.39
N THR C 238 -2.99 -24.88 9.98
CA THR C 238 -3.50 -23.85 10.88
C THR C 238 -4.31 -22.81 10.09
N ILE C 239 -3.78 -22.43 8.93
CA ILE C 239 -4.50 -21.50 8.03
C ILE C 239 -5.88 -22.03 7.65
N ALA C 240 -5.95 -23.28 7.18
CA ALA C 240 -7.23 -23.88 6.74
C ALA C 240 -8.28 -23.97 7.86
N MET C 241 -7.80 -24.13 9.10
CA MET C 241 -8.67 -24.12 10.27
C MET C 241 -9.13 -22.73 10.55
N PHE C 242 -8.26 -21.75 10.32
CA PHE C 242 -8.67 -20.36 10.46
C PHE C 242 -9.87 -20.05 9.59
N TYR C 243 -9.76 -20.40 8.30
CA TYR C 243 -10.91 -20.22 7.41
C TYR C 243 -12.08 -21.16 7.78
N GLY C 244 -11.78 -22.42 8.09
CA GLY C 244 -12.85 -23.41 8.35
C GLY C 244 -13.69 -23.02 9.55
N GLU C 245 -13.02 -22.59 10.61
CA GLU C 245 -13.70 -22.12 11.79
C GLU C 245 -14.75 -21.05 11.50
N LYS C 246 -14.52 -20.21 10.49
CA LYS C 246 -15.41 -19.06 10.27
C LYS C 246 -16.83 -19.47 9.85
N ILE C 247 -16.99 -20.71 9.39
CA ILE C 247 -18.30 -21.24 9.05
C ILE C 247 -18.55 -22.56 9.83
N GLY C 248 -17.68 -22.87 10.80
CA GLY C 248 -17.91 -24.00 11.69
C GLY C 248 -17.61 -25.35 11.05
N VAL C 249 -16.71 -25.39 10.04
CA VAL C 249 -16.16 -26.68 9.58
C VAL C 249 -14.67 -26.81 9.98
N ARG C 250 -14.08 -28.00 9.81
CA ARG C 250 -12.67 -28.27 10.24
C ARG C 250 -11.66 -27.48 9.40
N TYR C 251 -11.66 -27.71 8.09
CA TYR C 251 -10.70 -27.09 7.17
C TYR C 251 -11.43 -26.33 6.07
N GLY C 252 -11.03 -25.06 5.81
CA GLY C 252 -11.61 -24.29 4.68
C GLY C 252 -10.62 -23.50 3.79
N GLU C 253 -11.11 -22.99 2.67
CA GLU C 253 -10.36 -22.01 1.90
C GLU C 253 -11.19 -20.71 1.76
N GLY C 254 -10.51 -19.57 1.93
CA GLY C 254 -11.16 -18.26 1.97
C GLY C 254 -11.04 -17.42 0.72
N PHE C 255 -12.09 -16.69 0.39
CA PHE C 255 -12.11 -15.79 -0.75
C PHE C 255 -12.81 -14.51 -0.37
N ARG C 256 -12.30 -13.38 -0.82
CA ARG C 256 -13.03 -12.16 -0.71
C ARG C 256 -13.64 -11.85 -2.07
N ILE C 257 -14.93 -11.61 -2.09
CA ILE C 257 -15.71 -11.32 -3.32
C ILE C 257 -16.56 -10.08 -2.99
N MET C 258 -16.68 -9.14 -3.95
CA MET C 258 -17.39 -7.87 -3.74
C MET C 258 -18.05 -7.46 -5.03
N PRO C 259 -19.13 -6.64 -4.98
CA PRO C 259 -19.59 -6.05 -6.25
C PRO C 259 -18.41 -5.40 -7.01
N GLY C 260 -18.45 -5.42 -8.35
CA GLY C 260 -17.51 -4.67 -9.13
C GLY C 260 -17.26 -3.23 -8.61
N LEU C 261 -18.34 -2.48 -8.33
CA LEU C 261 -18.26 -1.03 -7.93
C LEU C 261 -17.36 -0.78 -6.74
N PHE C 262 -17.28 -1.81 -5.90
CA PHE C 262 -16.66 -1.63 -4.61
C PHE C 262 -15.13 -1.67 -4.67
N TYR C 263 -14.56 -2.04 -5.85
CA TYR C 263 -13.17 -1.89 -6.04
C TYR C 263 -12.75 -0.43 -6.39
N HIS C 264 -13.67 0.51 -6.31
CA HIS C 264 -13.32 1.87 -6.69
C HIS C 264 -14.18 2.89 -5.89
N ILE C 265 -13.49 3.92 -5.39
CA ILE C 265 -13.99 5.03 -4.52
C ILE C 265 -15.01 4.67 -3.43
N THR C 266 -15.01 3.41 -2.94
CA THR C 266 -16.05 3.03 -2.03
C THR C 266 -15.61 3.19 -0.56
N PRO C 267 -16.38 3.92 0.22
CA PRO C 267 -15.88 4.16 1.60
C PRO C 267 -16.38 3.21 2.70
N PHE C 268 -17.10 2.15 2.27
CA PHE C 268 -17.86 1.22 3.14
C PHE C 268 -17.72 -0.26 2.71
N THR C 269 -16.58 -0.57 2.15
CA THR C 269 -16.23 -1.94 1.77
C THR C 269 -16.16 -2.90 2.98
N ASP C 270 -15.94 -2.36 4.20
CA ASP C 270 -15.88 -3.23 5.40
C ASP C 270 -17.21 -3.80 5.87
N LEU C 271 -18.31 -3.35 5.26
CA LEU C 271 -19.65 -3.83 5.56
C LEU C 271 -19.95 -5.16 4.91
N ILE C 272 -19.05 -5.66 4.08
CA ILE C 272 -19.26 -6.99 3.52
C ILE C 272 -17.97 -7.80 3.74
#